data_4CJB
#
_entry.id   4CJB
#
_cell.length_a   80.120
_cell.length_b   115.600
_cell.length_c   126.120
_cell.angle_alpha   90.00
_cell.angle_beta   90.00
_cell.angle_gamma   90.00
#
_symmetry.space_group_name_H-M   'P 21 21 21'
#
loop_
_entity.id
_entity.type
_entity.pdbx_description
1 polymer 'GLYCOSYLTRANSFERASE FAMILY 6'
2 non-polymer 2-acetamido-2-deoxy-alpha-D-galactopyranose
3 water water
#
_entity_poly.entity_id   1
_entity_poly.type   'polypeptide(L)'
_entity_poly.pdbx_seq_one_letter_code
;MRIGILYICTGKYDIFWKDFYLSAERYFMQDQSFIIEYYVFTDSPKLYDEENNKHIHRIKQKNLGWPDNTLKRFHIFLRI
KEQLERETDYLFFFNANLLFTSPIGKEILPPSDSNGLLGTMHPGFYNKPNSEFTYERRDASTAYIPEGEGRYYYAGGLSG
GCTKAYLKLCTTICSWVDRDATNHIIPIWHDQSLINKYFLDNPPAITLSPAYLYPEGWLLPFEPIILIRDKNKPQYGGHE
LLRRKN
;
_entity_poly.pdbx_strand_id   A,B,C,D
#
loop_
_chem_comp.id
_chem_comp.type
_chem_comp.name
_chem_comp.formula
A2G D-saccharide, alpha linking 2-acetamido-2-deoxy-alpha-D-galactopyranose 'C8 H15 N O6'
#
# COMPACT_ATOMS: atom_id res chain seq x y z
N MET A 1 34.51 -18.28 -6.42
CA MET A 1 33.64 -18.04 -7.57
C MET A 1 33.64 -16.55 -7.95
N ARG A 2 33.62 -16.26 -9.25
CA ARG A 2 33.72 -14.88 -9.70
C ARG A 2 32.41 -14.29 -10.24
N ILE A 3 31.92 -13.23 -9.56
CA ILE A 3 30.65 -12.60 -9.92
C ILE A 3 30.90 -11.28 -10.64
N GLY A 4 30.47 -11.19 -11.89
CA GLY A 4 30.64 -9.98 -12.67
C GLY A 4 29.39 -9.11 -12.68
N ILE A 5 29.54 -7.86 -12.29
CA ILE A 5 28.42 -6.93 -12.38
C ILE A 5 28.58 -6.03 -13.60
N LEU A 6 27.57 -6.05 -14.46
CA LEU A 6 27.54 -5.17 -15.61
C LEU A 6 26.74 -3.94 -15.23
N TYR A 7 27.26 -2.77 -15.57
CA TYR A 7 26.66 -1.53 -15.10
C TYR A 7 26.93 -0.40 -16.08
N ILE A 8 25.86 0.16 -16.64
CA ILE A 8 25.97 1.27 -17.58
C ILE A 8 25.48 2.58 -16.94
N CYS A 9 26.37 3.56 -16.83
CA CYS A 9 26.02 4.85 -16.26
C CYS A 9 26.63 6.02 -17.03
N THR A 10 26.24 6.15 -18.29
CA THR A 10 26.66 7.26 -19.12
C THR A 10 25.85 8.51 -18.77
N GLY A 11 26.29 9.66 -19.29
CA GLY A 11 25.57 10.91 -19.12
C GLY A 11 25.25 11.30 -17.70
N LYS A 12 23.97 11.52 -17.41
CA LYS A 12 23.55 11.95 -16.09
C LYS A 12 23.20 10.79 -15.17
N TYR A 13 23.75 9.60 -15.44
CA TYR A 13 23.41 8.43 -14.63
C TYR A 13 24.58 7.97 -13.75
N ASP A 14 25.70 8.66 -13.83
CA ASP A 14 26.87 8.32 -13.03
C ASP A 14 26.75 8.85 -11.61
N ILE A 15 25.74 9.69 -11.39
CA ILE A 15 25.43 10.18 -10.05
C ILE A 15 24.91 9.00 -9.22
N PHE A 16 24.45 7.97 -9.92
CA PHE A 16 23.88 6.78 -9.29
C PHE A 16 24.92 5.71 -8.94
N TRP A 17 26.14 5.86 -9.44
CA TRP A 17 27.15 4.83 -9.23
C TRP A 17 27.59 4.71 -7.77
N LYS A 18 27.79 5.85 -7.11
CA LYS A 18 28.32 5.86 -5.75
C LYS A 18 27.52 5.03 -4.74
N ASP A 19 26.24 5.38 -4.56
CA ASP A 19 25.41 4.71 -3.56
C ASP A 19 25.06 3.28 -3.97
N PHE A 20 25.00 3.03 -5.27
CA PHE A 20 24.83 1.66 -5.78
C PHE A 20 26.01 0.80 -5.38
N TYR A 21 27.21 1.32 -5.62
CA TYR A 21 28.45 0.62 -5.34
C TYR A 21 28.62 0.31 -3.85
N LEU A 22 28.37 1.30 -3.00
CA LEU A 22 28.51 1.12 -1.55
C LEU A 22 27.52 0.10 -1.02
N SER A 23 26.30 0.14 -1.54
CA SER A 23 25.28 -0.82 -1.14
C SER A 23 25.69 -2.22 -1.58
N ALA A 24 26.33 -2.30 -2.75
CA ALA A 24 26.75 -3.57 -3.34
C ALA A 24 27.96 -4.16 -2.62
N GLU A 25 28.84 -3.28 -2.14
CA GLU A 25 30.01 -3.70 -1.39
C GLU A 25 29.60 -4.16 0.01
N ARG A 26 28.32 -3.98 0.32
CA ARG A 26 27.81 -4.22 1.65
C ARG A 26 26.81 -5.39 1.73
N TYR A 27 25.94 -5.50 0.73
CA TYR A 27 24.85 -6.47 0.79
C TYR A 27 24.96 -7.58 -0.26
N PHE A 28 25.65 -7.30 -1.36
CA PHE A 28 25.66 -8.21 -2.52
C PHE A 28 26.82 -9.20 -2.52
N MET A 29 26.48 -10.47 -2.37
CA MET A 29 27.44 -11.57 -2.45
C MET A 29 28.63 -11.38 -1.51
N GLN A 30 28.36 -11.07 -0.25
CA GLN A 30 29.43 -10.79 0.70
C GLN A 30 29.95 -12.01 1.44
N ASP A 31 29.63 -13.20 0.93
CA ASP A 31 30.29 -14.41 1.38
C ASP A 31 31.72 -14.39 0.85
N GLN A 32 32.69 -14.76 1.68
CA GLN A 32 34.10 -14.61 1.32
C GLN A 32 34.54 -15.54 0.19
N SER A 33 33.64 -16.41 -0.24
CA SER A 33 33.93 -17.32 -1.35
C SER A 33 33.85 -16.56 -2.65
N PHE A 34 32.97 -15.58 -2.72
CA PHE A 34 32.76 -14.83 -3.95
C PHE A 34 33.73 -13.66 -4.08
N ILE A 35 34.09 -13.35 -5.31
CA ILE A 35 34.85 -12.14 -5.62
C ILE A 35 34.05 -11.33 -6.63
N ILE A 36 33.95 -10.04 -6.41
CA ILE A 36 33.09 -9.20 -7.22
C ILE A 36 33.90 -8.32 -8.17
N GLU A 37 33.56 -8.41 -9.44
CA GLU A 37 34.12 -7.55 -10.48
C GLU A 37 33.04 -6.60 -10.98
N TYR A 38 33.31 -5.30 -10.91
CA TYR A 38 32.38 -4.32 -11.46
C TYR A 38 32.84 -3.89 -12.84
N TYR A 39 31.99 -4.07 -13.84
CA TYR A 39 32.30 -3.62 -15.19
C TYR A 39 31.44 -2.41 -15.52
N VAL A 40 32.01 -1.22 -15.33
CA VAL A 40 31.24 0.00 -15.39
C VAL A 40 31.46 0.75 -16.72
N PHE A 41 30.45 0.70 -17.57
CA PHE A 41 30.49 1.38 -18.85
C PHE A 41 29.99 2.80 -18.65
N THR A 42 30.87 3.79 -18.86
CA THR A 42 30.49 5.18 -18.60
C THR A 42 31.35 6.17 -19.40
N ASP A 43 30.92 7.42 -19.41
CA ASP A 43 31.68 8.50 -20.04
C ASP A 43 32.34 9.35 -18.97
N SER A 44 32.21 8.91 -17.73
CA SER A 44 32.83 9.61 -16.61
C SER A 44 34.34 9.36 -16.60
N PRO A 45 35.11 10.42 -16.31
CA PRO A 45 36.57 10.32 -16.25
C PRO A 45 37.03 9.50 -15.04
N LYS A 46 36.33 9.63 -13.92
CA LYS A 46 36.67 8.90 -12.70
C LYS A 46 35.41 8.42 -11.99
N LEU A 47 35.47 7.22 -11.42
CA LEU A 47 34.36 6.67 -10.64
C LEU A 47 34.71 6.65 -9.16
N TYR A 48 33.68 6.60 -8.32
CA TYR A 48 33.88 6.55 -6.88
C TYR A 48 34.62 5.27 -6.48
N ASP A 49 35.68 5.45 -5.69
CA ASP A 49 36.46 4.36 -5.10
C ASP A 49 37.24 3.57 -6.16
N GLU A 50 37.40 4.16 -7.34
CA GLU A 50 38.15 3.54 -8.44
C GLU A 50 39.64 3.44 -8.13
N GLU A 51 40.13 4.39 -7.34
CA GLU A 51 41.54 4.47 -7.01
C GLU A 51 41.90 3.55 -5.85
N ASN A 52 40.86 2.99 -5.22
CA ASN A 52 41.04 2.14 -4.06
C ASN A 52 40.73 0.67 -4.36
N ASN A 53 39.67 0.46 -5.15
CA ASN A 53 39.25 -0.90 -5.48
C ASN A 53 39.68 -1.28 -6.89
N LYS A 54 40.44 -2.37 -7.01
CA LYS A 54 40.99 -2.78 -8.29
C LYS A 54 39.97 -3.58 -9.09
N HIS A 55 38.84 -3.88 -8.45
CA HIS A 55 37.79 -4.66 -9.08
C HIS A 55 36.78 -3.77 -9.77
N ILE A 56 36.96 -2.45 -9.66
CA ILE A 56 36.17 -1.50 -10.43
C ILE A 56 36.85 -1.32 -11.78
N HIS A 57 36.26 -1.87 -12.82
CA HIS A 57 36.81 -1.78 -14.17
C HIS A 57 36.05 -0.75 -15.00
N ARG A 58 36.63 0.44 -15.15
CA ARG A 58 35.99 1.48 -15.94
C ARG A 58 36.19 1.22 -17.43
N ILE A 59 35.08 1.15 -18.17
CA ILE A 59 35.15 1.01 -19.61
C ILE A 59 34.58 2.26 -20.26
N LYS A 60 35.29 2.77 -21.27
CA LYS A 60 34.88 4.02 -21.90
C LYS A 60 33.68 3.83 -22.81
N GLN A 61 32.65 4.64 -22.58
CA GLN A 61 31.42 4.57 -23.36
C GLN A 61 30.76 5.94 -23.44
N LYS A 62 30.41 6.34 -24.66
CA LYS A 62 29.77 7.64 -24.89
C LYS A 62 28.26 7.51 -24.73
N ASN A 63 27.60 8.64 -24.49
CA ASN A 63 26.15 8.68 -24.47
C ASN A 63 25.61 8.58 -25.89
N LEU A 64 24.81 7.54 -26.16
CA LEU A 64 24.25 7.33 -27.48
C LEU A 64 22.91 8.04 -27.53
N GLY A 65 22.41 8.39 -26.35
CA GLY A 65 21.11 9.02 -26.22
C GLY A 65 20.04 7.94 -26.30
N TRP A 66 18.80 8.34 -26.06
CA TRP A 66 17.69 7.40 -26.16
C TRP A 66 17.27 7.26 -27.63
N PRO A 67 16.99 6.03 -28.08
CA PRO A 67 16.98 4.77 -27.31
C PRO A 67 18.23 3.89 -27.43
N ASP A 68 19.25 4.30 -28.18
CA ASP A 68 20.41 3.43 -28.43
C ASP A 68 21.12 3.02 -27.14
N ASN A 69 21.02 3.86 -26.12
CA ASN A 69 21.57 3.56 -24.80
C ASN A 69 20.86 2.36 -24.17
N THR A 70 19.59 2.18 -24.55
CA THR A 70 18.80 1.06 -24.07
C THR A 70 18.68 -0.02 -25.14
N LEU A 71 18.74 0.37 -26.40
CA LEU A 71 18.59 -0.57 -27.51
C LEU A 71 19.89 -1.38 -27.74
N LYS A 72 21.03 -0.69 -27.76
CA LYS A 72 22.32 -1.34 -27.96
C LYS A 72 22.99 -1.73 -26.64
N ARG A 73 22.18 -2.04 -25.63
CA ARG A 73 22.72 -2.38 -24.32
C ARG A 73 23.56 -3.65 -24.34
N PHE A 74 23.10 -4.65 -25.09
CA PHE A 74 23.82 -5.92 -25.16
C PHE A 74 24.96 -5.84 -26.17
N HIS A 75 24.89 -4.85 -27.06
CA HIS A 75 26.02 -4.56 -27.96
C HIS A 75 27.22 -4.12 -27.14
N ILE A 76 26.95 -3.33 -26.10
CA ILE A 76 27.98 -2.80 -25.22
C ILE A 76 28.65 -3.90 -24.39
N PHE A 77 27.88 -4.88 -23.95
CA PHE A 77 28.47 -5.97 -23.17
C PHE A 77 29.41 -6.83 -24.03
N LEU A 78 29.01 -7.08 -25.28
CA LEU A 78 29.76 -7.97 -26.15
C LEU A 78 31.07 -7.42 -26.71
N ARG A 79 31.33 -6.13 -26.56
CA ARG A 79 32.60 -5.59 -27.03
C ARG A 79 33.75 -6.10 -26.14
N ILE A 80 33.43 -6.51 -24.92
CA ILE A 80 34.44 -7.06 -24.02
C ILE A 80 34.11 -8.49 -23.58
N LYS A 81 33.48 -9.26 -24.46
CA LYS A 81 33.01 -10.59 -24.12
C LYS A 81 34.14 -11.54 -23.72
N GLU A 82 35.32 -11.39 -24.33
CA GLU A 82 36.44 -12.27 -24.05
C GLU A 82 36.95 -12.04 -22.64
N GLN A 83 37.02 -10.78 -22.24
CA GLN A 83 37.45 -10.41 -20.89
C GLN A 83 36.50 -10.99 -19.84
N LEU A 84 35.22 -11.03 -20.17
CA LEU A 84 34.20 -11.55 -19.26
C LEU A 84 34.31 -13.06 -19.15
N GLU A 85 34.71 -13.70 -20.25
CA GLU A 85 34.76 -15.15 -20.30
C GLU A 85 35.90 -15.72 -19.47
N ARG A 86 36.94 -14.92 -19.24
CA ARG A 86 38.10 -15.36 -18.49
C ARG A 86 38.17 -14.83 -17.05
N GLU A 87 37.37 -13.82 -16.73
CA GLU A 87 37.45 -13.22 -15.40
C GLU A 87 36.21 -13.48 -14.54
N THR A 88 35.11 -13.90 -15.18
CA THR A 88 33.86 -14.11 -14.45
C THR A 88 33.27 -15.49 -14.69
N ASP A 89 32.47 -15.95 -13.75
CA ASP A 89 31.73 -17.20 -13.89
C ASP A 89 30.24 -16.91 -13.96
N TYR A 90 29.83 -15.81 -13.33
CA TYR A 90 28.44 -15.34 -13.39
C TYR A 90 28.42 -13.87 -13.79
N LEU A 91 27.39 -13.48 -14.52
CA LEU A 91 27.19 -12.08 -14.88
C LEU A 91 25.80 -11.63 -14.45
N PHE A 92 25.71 -10.41 -13.96
CA PHE A 92 24.43 -9.82 -13.59
C PHE A 92 24.38 -8.38 -14.04
N PHE A 93 23.29 -8.00 -14.70
CA PHE A 93 23.10 -6.62 -15.09
C PHE A 93 22.18 -5.91 -14.11
N PHE A 94 22.52 -4.67 -13.76
CA PHE A 94 21.67 -3.84 -12.91
C PHE A 94 21.46 -2.46 -13.51
N ASN A 95 20.25 -1.91 -13.37
CA ASN A 95 20.02 -0.53 -13.75
C ASN A 95 20.81 0.41 -12.86
N ALA A 96 21.15 1.57 -13.40
CA ALA A 96 22.00 2.51 -12.70
C ALA A 96 21.43 2.93 -11.34
N ASN A 97 20.14 3.24 -11.32
CA ASN A 97 19.50 3.79 -10.13
C ASN A 97 19.02 2.73 -9.15
N LEU A 98 19.54 1.52 -9.27
CA LEU A 98 19.12 0.42 -8.39
C LEU A 98 19.87 0.56 -7.07
N LEU A 99 19.27 0.05 -5.98
CA LEU A 99 19.89 0.18 -4.65
C LEU A 99 19.63 -1.02 -3.74
N PHE A 100 20.71 -1.66 -3.30
CA PHE A 100 20.60 -2.78 -2.36
C PHE A 100 20.28 -2.29 -0.95
N THR A 101 19.41 -3.03 -0.25
CA THR A 101 19.00 -2.67 1.09
C THR A 101 19.10 -3.86 2.04
N SER A 102 19.07 -5.07 1.48
CA SER A 102 19.16 -6.30 2.26
C SER A 102 20.20 -7.25 1.68
N PRO A 103 20.74 -8.14 2.51
CA PRO A 103 21.75 -9.11 2.05
C PRO A 103 21.23 -10.00 0.92
N ILE A 104 22.10 -10.33 -0.03
CA ILE A 104 21.75 -11.24 -1.12
C ILE A 104 22.86 -12.29 -1.26
N GLY A 105 22.47 -13.57 -1.28
CA GLY A 105 23.47 -14.62 -1.30
C GLY A 105 23.38 -15.58 -2.46
N LYS A 106 23.81 -16.83 -2.23
CA LYS A 106 23.92 -17.81 -3.29
C LYS A 106 22.55 -18.34 -3.77
N GLU A 107 21.48 -17.84 -3.17
CA GLU A 107 20.14 -18.32 -3.47
C GLU A 107 19.67 -17.86 -4.86
N ILE A 108 20.38 -16.89 -5.43
CA ILE A 108 20.00 -16.35 -6.73
C ILE A 108 20.94 -16.82 -7.84
N LEU A 109 21.82 -17.76 -7.53
CA LEU A 109 22.68 -18.37 -8.55
C LEU A 109 21.96 -19.54 -9.23
N PRO A 110 21.75 -19.43 -10.55
CA PRO A 110 21.15 -20.55 -11.29
C PRO A 110 22.08 -21.77 -11.27
N PRO A 111 21.54 -22.93 -10.89
CA PRO A 111 22.31 -24.18 -10.81
C PRO A 111 22.99 -24.54 -12.14
N SER A 112 24.16 -25.17 -12.08
CA SER A 112 24.94 -25.47 -13.28
C SER A 112 24.30 -26.49 -14.21
N ASP A 113 23.32 -27.22 -13.70
CA ASP A 113 22.63 -28.25 -14.47
C ASP A 113 21.37 -27.69 -15.14
N SER A 114 21.04 -26.43 -14.83
CA SER A 114 19.90 -25.75 -15.44
C SER A 114 20.39 -24.98 -16.68
N ASN A 115 19.51 -24.18 -17.28
CA ASN A 115 19.93 -23.36 -18.41
C ASN A 115 20.78 -22.19 -17.94
N GLY A 116 20.80 -21.98 -16.62
CA GLY A 116 21.68 -20.99 -16.02
C GLY A 116 21.29 -19.56 -16.32
N LEU A 117 20.00 -19.30 -16.41
CA LEU A 117 19.50 -17.97 -16.70
C LEU A 117 18.65 -17.44 -15.55
N LEU A 118 18.70 -16.13 -15.34
CA LEU A 118 17.91 -15.50 -14.29
C LEU A 118 17.13 -14.31 -14.84
N GLY A 119 15.83 -14.28 -14.54
CA GLY A 119 15.00 -13.15 -14.92
C GLY A 119 14.29 -12.57 -13.71
N THR A 120 13.81 -11.34 -13.84
CA THR A 120 13.12 -10.69 -12.74
C THR A 120 11.77 -10.18 -13.19
N MET A 121 10.73 -10.42 -12.39
CA MET A 121 9.37 -9.99 -12.71
C MET A 121 9.23 -8.48 -12.65
N HIS A 122 8.61 -7.89 -13.66
CA HIS A 122 8.36 -6.46 -13.71
C HIS A 122 7.31 -6.07 -12.66
N PRO A 123 7.58 -5.02 -11.87
CA PRO A 123 6.73 -4.62 -10.75
C PRO A 123 5.35 -4.12 -11.17
N GLY A 124 5.17 -3.80 -12.45
CA GLY A 124 3.90 -3.28 -12.90
C GLY A 124 3.01 -4.35 -13.48
N PHE A 125 3.48 -5.60 -13.48
CA PHE A 125 2.77 -6.68 -14.15
C PHE A 125 2.64 -7.98 -13.34
N TYR A 126 3.26 -8.04 -12.16
CA TYR A 126 3.30 -9.26 -11.36
C TYR A 126 1.90 -9.76 -10.96
N ASN A 127 0.94 -8.84 -10.91
CA ASN A 127 -0.42 -9.16 -10.51
C ASN A 127 -1.42 -9.02 -11.66
N LYS A 128 -0.91 -8.94 -12.88
CA LYS A 128 -1.79 -8.71 -14.02
C LYS A 128 -1.99 -10.01 -14.82
N PRO A 129 -3.13 -10.12 -15.52
CA PRO A 129 -3.35 -11.32 -16.32
C PRO A 129 -2.63 -11.25 -17.65
N ASN A 130 -2.50 -12.38 -18.34
CA ASN A 130 -1.77 -12.46 -19.61
C ASN A 130 -2.23 -11.44 -20.63
N SER A 131 -3.53 -11.16 -20.62
CA SER A 131 -4.15 -10.26 -21.59
C SER A 131 -3.62 -8.83 -21.55
N GLU A 132 -2.96 -8.47 -20.46
CA GLU A 132 -2.49 -7.10 -20.28
C GLU A 132 -0.98 -6.94 -20.45
N PHE A 133 -0.29 -8.04 -20.76
CA PHE A 133 1.14 -8.00 -21.03
C PHE A 133 1.42 -7.23 -22.34
N THR A 134 2.27 -6.21 -22.26
CA THR A 134 2.59 -5.38 -23.42
C THR A 134 3.75 -5.94 -24.24
N TYR A 135 3.62 -7.19 -24.67
CA TYR A 135 4.60 -7.83 -25.56
C TYR A 135 4.63 -7.15 -26.94
N GLU A 136 5.66 -7.45 -27.73
CA GLU A 136 5.70 -7.04 -29.12
C GLU A 136 4.76 -7.96 -29.91
N ARG A 137 3.79 -7.37 -30.60
CA ARG A 137 2.74 -8.18 -31.24
C ARG A 137 2.87 -8.18 -32.78
N ARG A 138 3.93 -7.56 -33.28
CA ARG A 138 4.18 -7.54 -34.72
C ARG A 138 5.00 -8.74 -35.17
N ASP A 139 4.38 -9.59 -35.99
CA ASP A 139 5.01 -10.78 -36.51
C ASP A 139 6.29 -10.49 -37.30
N ALA A 140 6.38 -9.25 -37.78
CA ALA A 140 7.55 -8.82 -38.53
C ALA A 140 8.78 -8.64 -37.64
N SER A 141 8.55 -8.53 -36.34
CA SER A 141 9.65 -8.32 -35.40
C SER A 141 10.19 -9.63 -34.83
N THR A 142 11.47 -9.63 -34.48
CA THR A 142 12.10 -10.79 -33.88
C THR A 142 11.66 -10.95 -32.44
N ALA A 143 11.03 -9.91 -31.90
CA ALA A 143 10.58 -9.91 -30.51
C ALA A 143 9.12 -10.34 -30.42
N TYR A 144 8.60 -10.87 -31.52
CA TYR A 144 7.19 -11.22 -31.63
C TYR A 144 6.76 -12.30 -30.66
N ILE A 145 5.70 -12.02 -29.91
CA ILE A 145 5.04 -13.01 -29.07
C ILE A 145 3.54 -12.97 -29.34
N PRO A 146 2.98 -14.07 -29.88
CA PRO A 146 1.55 -14.18 -30.16
C PRO A 146 0.69 -14.02 -28.91
N GLU A 147 -0.59 -13.67 -29.09
CA GLU A 147 -1.50 -13.44 -27.98
C GLU A 147 -1.74 -14.74 -27.19
N GLY A 148 -1.90 -14.60 -25.88
CA GLY A 148 -2.17 -15.74 -25.01
C GLY A 148 -0.96 -16.50 -24.53
N GLU A 149 0.16 -16.34 -25.22
CA GLU A 149 1.39 -17.03 -24.80
C GLU A 149 2.17 -16.13 -23.84
N GLY A 150 3.14 -16.72 -23.15
CA GLY A 150 3.91 -16.01 -22.16
C GLY A 150 3.51 -16.46 -20.77
N ARG A 151 4.43 -16.34 -19.83
CA ARG A 151 4.17 -16.75 -18.46
C ARG A 151 4.24 -15.53 -17.55
N TYR A 152 5.41 -14.92 -17.51
CA TYR A 152 5.61 -13.72 -16.73
C TYR A 152 5.92 -12.57 -17.68
N TYR A 153 5.77 -11.35 -17.19
CA TYR A 153 6.29 -10.19 -17.90
C TYR A 153 7.59 -9.76 -17.24
N TYR A 154 8.71 -10.23 -17.79
CA TYR A 154 10.00 -9.95 -17.21
C TYR A 154 10.41 -8.50 -17.43
N ALA A 155 11.36 -8.02 -16.64
CA ALA A 155 11.85 -6.65 -16.75
C ALA A 155 13.28 -6.65 -17.28
N GLY A 156 13.75 -5.48 -17.71
CA GLY A 156 15.10 -5.35 -18.21
C GLY A 156 16.09 -4.73 -17.24
N GLY A 157 15.60 -4.40 -16.04
CA GLY A 157 16.40 -3.72 -15.05
C GLY A 157 17.34 -4.63 -14.26
N LEU A 158 17.06 -5.93 -14.30
CA LEU A 158 17.89 -6.93 -13.65
C LEU A 158 17.80 -8.28 -14.35
N SER A 159 18.91 -8.71 -14.92
CA SER A 159 19.00 -10.02 -15.56
C SER A 159 20.42 -10.56 -15.48
N GLY A 160 20.56 -11.87 -15.59
CA GLY A 160 21.88 -12.48 -15.55
C GLY A 160 21.87 -14.00 -15.56
N GLY A 161 22.96 -14.57 -15.05
CA GLY A 161 23.11 -16.01 -14.97
C GLY A 161 24.58 -16.37 -15.10
N CYS A 162 24.86 -17.63 -15.39
CA CYS A 162 26.24 -18.05 -15.62
C CYS A 162 26.78 -17.37 -16.89
N THR A 163 28.06 -17.02 -16.88
CA THR A 163 28.68 -16.22 -17.93
C THR A 163 28.43 -16.73 -19.34
N LYS A 164 28.57 -18.05 -19.54
CA LYS A 164 28.38 -18.65 -20.86
C LYS A 164 26.95 -18.45 -21.37
N ALA A 165 25.97 -18.84 -20.57
CA ALA A 165 24.57 -18.73 -20.96
C ALA A 165 24.15 -17.29 -21.19
N TYR A 166 24.68 -16.38 -20.37
CA TYR A 166 24.28 -14.98 -20.44
C TYR A 166 24.85 -14.28 -21.67
N LEU A 167 26.11 -14.56 -22.01
CA LEU A 167 26.71 -14.00 -23.21
C LEU A 167 26.04 -14.55 -24.46
N LYS A 168 25.52 -15.76 -24.34
CA LYS A 168 24.72 -16.39 -25.39
C LYS A 168 23.43 -15.59 -25.60
N LEU A 169 22.88 -15.10 -24.50
CA LEU A 169 21.70 -14.24 -24.52
C LEU A 169 22.04 -12.89 -25.14
N CYS A 170 23.17 -12.32 -24.73
CA CYS A 170 23.63 -11.04 -25.28
C CYS A 170 23.80 -11.13 -26.79
N THR A 171 24.38 -12.25 -27.24
CA THR A 171 24.66 -12.46 -28.66
C THR A 171 23.36 -12.56 -29.44
N THR A 172 22.40 -13.30 -28.91
CA THR A 172 21.12 -13.53 -29.58
C THR A 172 20.33 -12.23 -29.75
N ILE A 173 20.16 -11.49 -28.65
CA ILE A 173 19.36 -10.27 -28.67
C ILE A 173 19.97 -9.19 -29.58
N CYS A 174 21.30 -9.13 -29.63
CA CYS A 174 21.97 -8.21 -30.54
C CYS A 174 21.58 -8.51 -31.99
N SER A 175 21.57 -9.80 -32.31
CA SER A 175 21.17 -10.24 -33.65
C SER A 175 19.72 -9.85 -33.92
N TRP A 176 18.87 -10.03 -32.91
CA TRP A 176 17.45 -9.69 -33.03
C TRP A 176 17.28 -8.18 -33.24
N VAL A 177 18.06 -7.41 -32.50
CA VAL A 177 18.03 -5.95 -32.62
C VAL A 177 18.44 -5.53 -34.03
N ASP A 178 19.56 -6.09 -34.50
CA ASP A 178 20.09 -5.77 -35.82
C ASP A 178 19.16 -6.22 -36.97
N ARG A 179 18.59 -7.41 -36.86
CA ARG A 179 17.72 -7.89 -37.92
C ARG A 179 16.46 -7.03 -38.08
N ASP A 180 15.96 -6.52 -36.95
CA ASP A 180 14.76 -5.68 -36.96
C ASP A 180 15.07 -4.30 -37.55
N ALA A 181 16.29 -3.82 -37.33
CA ALA A 181 16.75 -2.54 -37.86
C ALA A 181 16.71 -2.54 -39.38
N THR A 182 17.11 -3.67 -39.96
CA THR A 182 17.10 -3.86 -41.40
C THR A 182 15.65 -3.81 -41.85
N ASN A 183 14.82 -4.70 -41.29
CA ASN A 183 13.39 -4.73 -41.56
C ASN A 183 12.63 -3.46 -41.10
N HIS A 184 13.36 -2.41 -40.74
CA HIS A 184 12.77 -1.10 -40.41
C HIS A 184 11.80 -1.17 -39.24
N ILE A 185 12.25 -1.79 -38.16
CA ILE A 185 11.44 -1.94 -36.96
C ILE A 185 12.22 -1.64 -35.69
N ILE A 186 11.63 -0.84 -34.81
CA ILE A 186 12.15 -0.72 -33.46
C ILE A 186 11.11 -1.38 -32.58
N PRO A 187 11.51 -2.48 -31.93
CA PRO A 187 10.68 -3.25 -31.01
C PRO A 187 10.22 -2.46 -29.79
N ILE A 188 8.99 -2.63 -29.36
CA ILE A 188 8.49 -1.84 -28.25
C ILE A 188 8.20 -2.81 -27.18
N TRP A 189 8.54 -2.52 -25.94
CA TRP A 189 9.25 -1.37 -25.53
C TRP A 189 10.48 -2.06 -25.15
N HIS A 190 11.58 -1.73 -25.78
CA HIS A 190 12.67 -2.65 -25.99
C HIS A 190 13.41 -3.25 -24.84
N ASP A 191 13.67 -2.53 -23.78
CA ASP A 191 14.51 -3.12 -22.77
C ASP A 191 13.83 -4.32 -22.22
N GLN A 192 12.52 -4.34 -22.22
CA GLN A 192 11.83 -5.51 -21.79
C GLN A 192 11.32 -6.43 -22.87
N SER A 193 11.06 -5.94 -24.04
CA SER A 193 10.40 -6.80 -25.03
C SER A 193 11.30 -7.90 -25.58
N LEU A 194 12.56 -7.59 -25.86
CA LEU A 194 13.47 -8.59 -26.39
C LEU A 194 13.75 -9.65 -25.33
N ILE A 195 14.00 -9.21 -24.10
CA ILE A 195 14.30 -10.15 -23.02
C ILE A 195 13.09 -11.02 -22.68
N ASN A 196 11.88 -10.50 -22.85
CA ASN A 196 10.67 -11.28 -22.60
C ASN A 196 10.50 -12.34 -23.67
N LYS A 197 10.95 -12.02 -24.88
CA LYS A 197 10.95 -12.96 -25.99
C LYS A 197 11.96 -14.09 -25.75
N TYR A 198 13.15 -13.72 -25.29
CA TYR A 198 14.21 -14.70 -25.05
C TYR A 198 13.84 -15.63 -23.89
N PHE A 199 13.18 -15.07 -22.88
CA PHE A 199 12.78 -15.86 -21.71
C PHE A 199 11.56 -16.72 -22.00
N LEU A 200 10.92 -16.47 -23.14
CA LEU A 200 9.84 -17.32 -23.61
C LEU A 200 10.41 -18.59 -24.25
N ASP A 201 11.42 -18.41 -25.09
CA ASP A 201 12.09 -19.51 -25.76
C ASP A 201 12.97 -20.26 -24.76
N ASN A 202 13.53 -19.51 -23.81
CA ASN A 202 14.38 -20.06 -22.77
C ASN A 202 13.86 -19.66 -21.39
N PRO A 203 12.86 -20.40 -20.88
CA PRO A 203 12.34 -20.15 -19.52
C PRO A 203 13.47 -20.16 -18.50
N PRO A 204 13.71 -19.01 -17.86
CA PRO A 204 14.86 -18.89 -16.95
C PRO A 204 14.75 -19.80 -15.72
N ALA A 205 15.89 -20.34 -15.28
CA ALA A 205 15.96 -21.24 -14.15
C ALA A 205 15.51 -20.55 -12.86
N ILE A 206 15.82 -19.26 -12.77
CA ILE A 206 15.41 -18.47 -11.62
C ILE A 206 14.60 -17.25 -12.05
N THR A 207 13.44 -17.08 -11.42
CA THR A 207 12.61 -15.90 -11.66
C THR A 207 12.44 -15.14 -10.37
N LEU A 208 13.08 -13.98 -10.28
CA LEU A 208 13.01 -13.16 -9.08
C LEU A 208 11.70 -12.39 -9.02
N SER A 209 11.16 -12.27 -7.81
CA SER A 209 9.96 -11.49 -7.59
C SER A 209 10.31 -10.01 -7.71
N PRO A 210 9.29 -9.15 -7.92
CA PRO A 210 9.54 -7.71 -7.97
C PRO A 210 10.06 -7.11 -6.65
N ALA A 211 10.38 -7.95 -5.67
CA ALA A 211 11.07 -7.48 -4.48
C ALA A 211 12.51 -7.11 -4.83
N TYR A 212 12.96 -7.58 -5.99
CA TYR A 212 14.29 -7.29 -6.48
C TYR A 212 14.23 -6.14 -7.48
N LEU A 213 13.02 -5.63 -7.69
CA LEU A 213 12.81 -4.45 -8.53
C LEU A 213 11.68 -3.60 -7.93
N TYR A 214 11.87 -3.16 -6.70
CA TYR A 214 10.83 -2.44 -5.96
C TYR A 214 10.93 -0.94 -6.23
N PRO A 215 9.94 -0.37 -6.93
CA PRO A 215 9.95 1.07 -7.20
C PRO A 215 9.72 1.89 -5.91
N GLU A 216 10.56 2.90 -5.69
CA GLU A 216 10.46 3.72 -4.47
C GLU A 216 9.11 4.45 -4.39
N GLY A 217 8.46 4.33 -3.23
CA GLY A 217 7.18 4.97 -3.01
C GLY A 217 5.99 4.02 -3.16
N TRP A 218 6.22 2.91 -3.86
CA TRP A 218 5.16 1.94 -4.12
C TRP A 218 4.81 1.11 -2.89
N LEU A 219 3.59 0.58 -2.88
CA LEU A 219 3.17 -0.38 -1.87
C LEU A 219 2.89 -1.73 -2.53
N LEU A 220 3.86 -2.64 -2.44
CA LEU A 220 3.78 -3.94 -3.07
C LEU A 220 3.78 -5.05 -2.00
N PRO A 221 3.25 -6.23 -2.35
CA PRO A 221 3.19 -7.37 -1.43
C PRO A 221 4.55 -7.99 -1.16
N PHE A 222 5.58 -7.18 -1.06
CA PHE A 222 6.91 -7.68 -0.77
C PHE A 222 7.69 -6.77 0.16
N GLU A 223 8.72 -7.32 0.80
CA GLU A 223 9.71 -6.48 1.45
C GLU A 223 10.69 -6.08 0.36
N PRO A 224 11.01 -4.77 0.27
CA PRO A 224 11.96 -4.40 -0.78
C PRO A 224 13.39 -4.87 -0.48
N ILE A 225 13.96 -5.65 -1.38
CA ILE A 225 15.34 -6.10 -1.29
C ILE A 225 16.24 -5.18 -2.12
N ILE A 226 15.81 -4.90 -3.35
CA ILE A 226 16.47 -3.92 -4.19
C ILE A 226 15.46 -2.82 -4.55
N LEU A 227 15.82 -1.59 -4.23
CA LEU A 227 14.92 -0.47 -4.47
C LEU A 227 15.27 0.21 -5.80
N ILE A 228 14.25 0.62 -6.55
CA ILE A 228 14.48 1.47 -7.72
C ILE A 228 14.31 2.92 -7.27
N ARG A 229 15.44 3.60 -7.08
CA ARG A 229 15.45 4.98 -6.64
C ARG A 229 14.71 5.90 -7.60
N ASP A 230 13.90 6.80 -7.04
CA ASP A 230 13.16 7.77 -7.85
C ASP A 230 14.17 8.67 -8.55
N LYS A 231 14.14 8.69 -9.88
CA LYS A 231 15.04 9.53 -10.66
C LYS A 231 14.74 11.00 -10.45
N ASN A 232 13.48 11.32 -10.21
CA ASN A 232 13.07 12.72 -10.16
C ASN A 232 13.30 13.38 -8.80
N LYS A 233 13.95 12.66 -7.88
CA LYS A 233 14.37 13.26 -6.62
C LYS A 233 15.41 14.35 -6.90
N PRO A 234 15.35 15.47 -6.17
CA PRO A 234 16.20 16.65 -6.38
C PRO A 234 17.69 16.36 -6.22
N GLN A 235 18.04 15.38 -5.38
CA GLN A 235 19.42 15.01 -5.13
C GLN A 235 20.11 14.33 -6.31
N TYR A 236 19.39 14.18 -7.41
CA TYR A 236 19.93 13.54 -8.61
C TYR A 236 19.70 14.42 -9.83
N MET B 1 16.80 33.65 2.30
CA MET B 1 15.78 33.21 3.24
C MET B 1 16.35 32.65 4.53
N ARG B 2 15.67 32.96 5.64
CA ARG B 2 16.12 32.54 6.95
C ARG B 2 15.21 31.43 7.45
N ILE B 3 15.78 30.25 7.67
CA ILE B 3 14.97 29.10 8.06
C ILE B 3 15.15 28.83 9.55
N GLY B 4 14.06 28.91 10.29
CA GLY B 4 14.10 28.70 11.72
C GLY B 4 13.78 27.27 12.06
N ILE B 5 14.70 26.65 12.81
CA ILE B 5 14.48 25.30 13.29
C ILE B 5 14.03 25.35 14.74
N LEU B 6 12.86 24.75 15.00
CA LEU B 6 12.33 24.64 16.34
C LEU B 6 12.72 23.28 16.89
N TYR B 7 13.21 23.26 18.13
CA TYR B 7 13.77 22.05 18.69
C TYR B 7 13.63 22.06 20.21
N ILE B 8 12.87 21.10 20.73
CA ILE B 8 12.67 20.99 22.17
C ILE B 8 13.41 19.78 22.73
N CYS B 9 14.34 20.04 23.64
CA CYS B 9 15.12 19.00 24.28
C CYS B 9 15.30 19.24 25.78
N THR B 10 14.20 19.26 26.52
CA THR B 10 14.26 19.41 27.97
C THR B 10 14.66 18.10 28.63
N GLY B 11 15.02 18.18 29.91
CA GLY B 11 15.38 17.00 30.68
C GLY B 11 16.46 16.14 30.07
N LYS B 12 16.13 14.87 29.85
CA LYS B 12 17.08 13.88 29.37
C LYS B 12 17.18 13.78 27.83
N TYR B 13 16.78 14.85 27.13
CA TYR B 13 16.81 14.85 25.66
C TYR B 13 17.88 15.75 25.04
N ASP B 14 18.71 16.42 25.85
CA ASP B 14 19.70 17.30 25.27
C ASP B 14 20.85 16.47 24.72
N ILE B 15 20.80 15.18 25.00
CA ILE B 15 21.75 14.21 24.47
C ILE B 15 21.54 14.06 22.96
N PHE B 16 20.34 14.42 22.48
CA PHE B 16 20.00 14.27 21.07
C PHE B 16 20.40 15.48 20.24
N TRP B 17 20.69 16.60 20.90
CA TRP B 17 20.98 17.84 20.21
C TRP B 17 22.27 17.79 19.42
N LYS B 18 23.29 17.18 20.00
CA LYS B 18 24.61 17.13 19.39
C LYS B 18 24.58 16.52 17.98
N ASP B 19 24.14 15.27 17.89
CA ASP B 19 24.14 14.57 16.60
C ASP B 19 23.12 15.15 15.63
N PHE B 20 22.00 15.66 16.15
CA PHE B 20 21.01 16.34 15.32
C PHE B 20 21.59 17.59 14.71
N TYR B 21 22.24 18.41 15.55
CA TYR B 21 22.85 19.65 15.08
C TYR B 21 23.91 19.36 14.04
N LEU B 22 24.75 18.36 14.30
CA LEU B 22 25.82 18.00 13.37
C LEU B 22 25.25 17.48 12.04
N SER B 23 24.21 16.67 12.11
CA SER B 23 23.56 16.17 10.89
C SER B 23 22.89 17.29 10.11
N ALA B 24 22.37 18.27 10.85
CA ALA B 24 21.66 19.40 10.24
C ALA B 24 22.64 20.36 9.57
N GLU B 25 23.83 20.48 10.14
CA GLU B 25 24.87 21.35 9.59
C GLU B 25 25.49 20.78 8.32
N ARG B 26 25.07 19.57 7.96
CA ARG B 26 25.65 18.86 6.83
C ARG B 26 24.67 18.66 5.67
N TYR B 27 23.41 18.36 5.98
CA TYR B 27 22.44 17.96 4.97
C TYR B 27 21.28 18.94 4.79
N PHE B 28 20.99 19.71 5.83
CA PHE B 28 19.78 20.53 5.84
C PHE B 28 20.03 21.95 5.34
N MET B 29 19.45 22.27 4.19
CA MET B 29 19.49 23.61 3.61
C MET B 29 20.91 24.16 3.54
N GLN B 30 21.86 23.36 3.06
CA GLN B 30 23.25 23.83 3.04
C GLN B 30 23.57 24.47 1.70
N ASP B 31 22.53 24.76 0.92
CA ASP B 31 22.68 25.60 -0.26
C ASP B 31 22.88 27.04 0.21
N GLN B 32 23.79 27.76 -0.44
CA GLN B 32 24.23 29.06 0.08
C GLN B 32 23.16 30.16 0.05
N SER B 33 22.02 29.88 -0.55
CA SER B 33 20.93 30.85 -0.58
C SER B 33 20.14 30.87 0.74
N PHE B 34 20.59 30.10 1.72
CA PHE B 34 19.86 30.02 2.99
C PHE B 34 20.76 30.20 4.21
N ILE B 35 20.20 30.78 5.25
CA ILE B 35 20.88 30.85 6.54
C ILE B 35 19.99 30.20 7.61
N ILE B 36 20.60 29.42 8.50
CA ILE B 36 19.84 28.61 9.44
C ILE B 36 19.92 29.15 10.86
N GLU B 37 18.75 29.36 11.47
CA GLU B 37 18.67 29.75 12.88
C GLU B 37 18.06 28.64 13.71
N TYR B 38 18.78 28.18 14.74
CA TYR B 38 18.26 27.14 15.62
C TYR B 38 17.66 27.73 16.90
N TYR B 39 16.39 27.43 17.12
CA TYR B 39 15.70 27.84 18.34
C TYR B 39 15.51 26.63 19.24
N VAL B 40 16.44 26.43 20.15
CA VAL B 40 16.50 25.21 20.94
C VAL B 40 15.98 25.46 22.35
N PHE B 41 14.78 24.94 22.62
CA PHE B 41 14.14 25.08 23.92
C PHE B 41 14.60 23.99 24.87
N THR B 42 15.27 24.38 25.95
CA THR B 42 15.80 23.42 26.90
C THR B 42 15.96 24.00 28.30
N ASP B 43 16.18 23.11 29.26
CA ASP B 43 16.44 23.51 30.64
C ASP B 43 17.91 23.33 30.94
N SER B 44 18.66 23.00 29.90
CA SER B 44 20.10 22.84 30.01
C SER B 44 20.83 24.18 30.06
N PRO B 45 21.86 24.26 30.92
CA PRO B 45 22.73 25.42 31.05
C PRO B 45 23.60 25.54 29.80
N LYS B 46 23.93 24.39 29.24
CA LYS B 46 24.81 24.28 28.09
C LYS B 46 24.33 23.35 26.98
N LEU B 47 24.48 23.82 25.74
CA LEU B 47 24.23 23.02 24.55
C LEU B 47 25.55 22.83 23.83
N TYR B 48 25.64 21.81 23.00
CA TYR B 48 26.84 21.59 22.20
C TYR B 48 27.07 22.75 21.22
N ASP B 49 28.29 23.29 21.24
CA ASP B 49 28.74 24.29 20.27
C ASP B 49 28.05 25.67 20.34
N GLU B 50 27.42 26.00 21.46
CA GLU B 50 26.77 27.31 21.59
C GLU B 50 27.80 28.44 21.60
N GLU B 51 29.00 28.15 22.08
CA GLU B 51 30.06 29.14 22.18
C GLU B 51 30.77 29.35 20.84
N ASN B 52 30.46 28.48 19.88
CA ASN B 52 31.09 28.56 18.56
C ASN B 52 30.09 29.03 17.52
N ASN B 53 28.85 28.56 17.61
CA ASN B 53 27.84 28.92 16.64
C ASN B 53 26.90 29.98 17.20
N LYS B 54 26.80 31.09 16.49
CA LYS B 54 26.02 32.24 16.89
C LYS B 54 24.56 32.12 16.46
N HIS B 55 24.28 31.07 15.70
CA HIS B 55 22.95 30.81 15.19
C HIS B 55 22.19 29.88 16.12
N ILE B 56 22.87 29.42 17.17
CA ILE B 56 22.23 28.64 18.21
C ILE B 56 21.58 29.58 19.23
N HIS B 57 20.25 29.64 19.21
CA HIS B 57 19.53 30.46 20.17
C HIS B 57 18.98 29.56 21.26
N ARG B 58 19.68 29.52 22.38
CA ARG B 58 19.21 28.70 23.48
C ARG B 58 18.08 29.46 24.16
N ILE B 59 16.91 28.84 24.20
CA ILE B 59 15.77 29.44 24.85
C ILE B 59 15.46 28.62 26.08
N LYS B 60 15.32 29.30 27.21
CA LYS B 60 15.13 28.62 28.48
C LYS B 60 13.70 28.12 28.62
N GLN B 61 13.59 26.83 28.93
CA GLN B 61 12.30 26.18 29.05
C GLN B 61 12.45 25.06 30.07
N LYS B 62 11.48 24.93 30.97
CA LYS B 62 11.54 23.89 31.98
C LYS B 62 11.07 22.56 31.40
N ASN B 63 11.45 21.47 32.06
CA ASN B 63 10.89 20.16 31.78
C ASN B 63 9.48 20.10 32.36
N LEU B 64 8.50 19.83 31.51
CA LEU B 64 7.11 19.76 31.97
C LEU B 64 6.67 18.34 32.32
N GLY B 65 7.42 17.35 31.85
CA GLY B 65 7.04 15.95 32.08
C GLY B 65 5.95 15.53 31.12
N TRP B 66 5.59 14.25 31.13
CA TRP B 66 4.56 13.74 30.24
C TRP B 66 3.16 14.02 30.83
N PRO B 67 2.21 14.46 29.99
CA PRO B 67 2.33 14.66 28.54
C PRO B 67 2.57 16.12 28.12
N ASP B 68 2.70 17.04 29.06
CA ASP B 68 2.79 18.46 28.74
C ASP B 68 3.96 18.80 27.80
N ASN B 69 4.98 17.94 27.79
CA ASN B 69 6.13 18.12 26.92
C ASN B 69 5.76 18.06 25.44
N THR B 70 4.71 17.30 25.10
CA THR B 70 4.24 17.23 23.72
C THR B 70 2.95 18.04 23.55
N LEU B 71 2.20 18.19 24.64
CA LEU B 71 0.90 18.86 24.58
C LEU B 71 1.02 20.38 24.46
N LYS B 72 1.83 20.99 25.32
CA LYS B 72 2.00 22.44 25.28
C LYS B 72 3.20 22.86 24.45
N ARG B 73 3.48 22.06 23.43
CA ARG B 73 4.61 22.29 22.54
C ARG B 73 4.46 23.61 21.78
N PHE B 74 3.23 23.93 21.40
CA PHE B 74 2.98 25.15 20.64
C PHE B 74 2.91 26.41 21.51
N HIS B 75 2.64 26.24 22.80
CA HIS B 75 2.73 27.34 23.75
C HIS B 75 4.17 27.80 23.86
N ILE B 76 5.08 26.83 23.85
CA ILE B 76 6.50 27.08 24.02
C ILE B 76 7.06 27.89 22.85
N PHE B 77 6.57 27.62 21.64
CA PHE B 77 7.03 28.34 20.46
C PHE B 77 6.61 29.81 20.54
N LEU B 78 5.39 30.04 21.03
CA LEU B 78 4.82 31.37 21.06
C LEU B 78 5.45 32.28 22.10
N ARG B 79 6.32 31.71 22.93
CA ARG B 79 7.02 32.48 23.95
C ARG B 79 8.03 33.46 23.32
N ILE B 80 8.49 33.12 22.13
CA ILE B 80 9.43 33.98 21.39
C ILE B 80 8.83 34.35 20.04
N LYS B 81 7.51 34.51 20.02
CA LYS B 81 6.79 34.75 18.77
C LYS B 81 7.28 35.98 18.01
N GLU B 82 7.58 37.04 18.75
CA GLU B 82 8.04 38.29 18.13
C GLU B 82 9.46 38.13 17.58
N GLN B 83 10.30 37.41 18.32
CA GLN B 83 11.66 37.11 17.85
C GLN B 83 11.61 36.29 16.57
N LEU B 84 10.64 35.39 16.49
CA LEU B 84 10.51 34.49 15.36
C LEU B 84 10.02 35.23 14.12
N GLU B 85 9.17 36.22 14.33
CA GLU B 85 8.59 36.99 13.23
C GLU B 85 9.56 37.98 12.56
N ARG B 86 10.62 38.38 13.26
CA ARG B 86 11.55 39.34 12.67
C ARG B 86 12.83 38.66 12.18
N GLU B 87 13.07 37.43 12.61
CA GLU B 87 14.33 36.76 12.31
C GLU B 87 14.21 35.57 11.35
N THR B 88 13.00 35.08 11.11
CA THR B 88 12.82 33.92 10.23
C THR B 88 11.80 34.18 9.12
N ASP B 89 11.92 33.42 8.05
CA ASP B 89 10.95 33.45 6.96
C ASP B 89 10.18 32.14 6.95
N TYR B 90 10.86 31.08 7.39
CA TYR B 90 10.24 29.77 7.50
C TYR B 90 10.51 29.16 8.86
N LEU B 91 9.57 28.35 9.34
CA LEU B 91 9.76 27.62 10.59
C LEU B 91 9.53 26.14 10.35
N PHE B 92 10.36 25.31 10.96
CA PHE B 92 10.20 23.86 10.90
C PHE B 92 10.50 23.24 12.26
N PHE B 93 9.60 22.40 12.74
CA PHE B 93 9.83 21.69 13.99
C PHE B 93 10.31 20.28 13.72
N PHE B 94 11.28 19.84 14.50
CA PHE B 94 11.80 18.48 14.42
C PHE B 94 11.75 17.85 15.80
N ASN B 95 11.42 16.57 15.87
CA ASN B 95 11.48 15.84 17.13
C ASN B 95 12.94 15.69 17.57
N ALA B 96 13.16 15.54 18.86
CA ALA B 96 14.51 15.52 19.42
C ALA B 96 15.38 14.43 18.80
N ASN B 97 14.83 13.23 18.66
CA ASN B 97 15.60 12.07 18.22
C ASN B 97 15.71 11.90 16.70
N LEU B 98 15.44 12.97 15.95
CA LEU B 98 15.55 12.92 14.49
C LEU B 98 16.99 13.10 14.03
N LEU B 99 17.29 12.55 12.85
CA LEU B 99 18.64 12.61 12.29
C LEU B 99 18.61 12.74 10.77
N PHE B 100 19.21 13.82 10.25
CA PHE B 100 19.27 14.00 8.80
C PHE B 100 20.31 13.04 8.23
N THR B 101 20.00 12.46 7.06
CA THR B 101 20.89 11.46 6.46
C THR B 101 21.16 11.79 4.99
N SER B 102 20.25 12.53 4.37
CA SER B 102 20.42 12.94 2.99
C SER B 102 20.16 14.44 2.86
N PRO B 103 20.74 15.08 1.85
CA PRO B 103 20.56 16.54 1.66
C PRO B 103 19.10 16.94 1.45
N ILE B 104 18.73 18.10 1.98
CA ILE B 104 17.40 18.67 1.82
C ILE B 104 17.55 20.13 1.39
N GLY B 105 16.84 20.52 0.34
CA GLY B 105 16.96 21.85 -0.24
C GLY B 105 15.64 22.59 -0.29
N LYS B 106 15.47 23.47 -1.28
CA LYS B 106 14.29 24.34 -1.32
C LYS B 106 13.01 23.57 -1.65
N GLU B 107 13.13 22.26 -1.84
CA GLU B 107 11.99 21.45 -2.27
C GLU B 107 10.93 21.28 -1.18
N ILE B 108 11.27 21.60 0.06
CA ILE B 108 10.32 21.45 1.17
C ILE B 108 9.78 22.81 1.60
N LEU B 109 10.11 23.84 0.83
CA LEU B 109 9.58 25.18 1.09
C LEU B 109 8.25 25.36 0.34
N PRO B 110 7.16 25.57 1.09
CA PRO B 110 5.83 25.79 0.48
C PRO B 110 5.78 27.07 -0.34
N PRO B 111 5.26 26.99 -1.58
CA PRO B 111 5.15 28.18 -2.44
C PRO B 111 4.36 29.29 -1.77
N SER B 112 4.71 30.54 -2.04
CA SER B 112 4.08 31.69 -1.38
C SER B 112 2.61 31.84 -1.79
N ASP B 113 2.20 31.06 -2.78
CA ASP B 113 0.85 31.12 -3.32
C ASP B 113 -0.06 30.15 -2.57
N SER B 114 0.54 29.28 -1.76
CA SER B 114 -0.23 28.30 -0.99
C SER B 114 -0.51 28.79 0.43
N ASN B 115 -1.09 27.91 1.25
CA ASN B 115 -1.33 28.24 2.65
C ASN B 115 -0.03 28.25 3.44
N GLY B 116 1.04 27.74 2.82
CA GLY B 116 2.37 27.81 3.39
C GLY B 116 2.55 26.87 4.56
N LEU B 117 1.92 25.70 4.48
CA LEU B 117 1.99 24.71 5.54
C LEU B 117 2.64 23.41 5.05
N LEU B 118 3.36 22.74 5.95
CA LEU B 118 3.98 21.45 5.64
C LEU B 118 3.67 20.42 6.72
N GLY B 119 3.20 19.25 6.30
CA GLY B 119 2.94 18.15 7.21
C GLY B 119 3.69 16.91 6.76
N THR B 120 3.83 15.94 7.67
CA THR B 120 4.53 14.69 7.36
C THR B 120 3.70 13.45 7.71
N MET B 121 3.70 12.49 6.80
CA MET B 121 2.96 11.25 6.97
C MET B 121 3.54 10.38 8.09
N HIS B 122 2.68 9.88 8.95
CA HIS B 122 3.11 8.97 10.02
C HIS B 122 3.51 7.64 9.40
N PRO B 123 4.72 7.15 9.73
CA PRO B 123 5.25 5.94 9.10
C PRO B 123 4.47 4.66 9.44
N GLY B 124 3.65 4.71 10.49
CA GLY B 124 2.92 3.54 10.93
C GLY B 124 1.49 3.44 10.42
N PHE B 125 1.06 4.42 9.63
CA PHE B 125 -0.34 4.46 9.18
C PHE B 125 -0.48 4.76 7.69
N TYR B 126 0.63 5.07 7.03
CA TYR B 126 0.60 5.48 5.63
C TYR B 126 0.07 4.38 4.72
N ASN B 127 0.12 3.13 5.20
CA ASN B 127 -0.31 1.99 4.41
C ASN B 127 -1.62 1.38 4.92
N LYS B 128 -2.26 2.07 5.85
CA LYS B 128 -3.53 1.60 6.42
C LYS B 128 -4.69 2.51 6.01
N PRO B 129 -5.92 1.97 6.01
CA PRO B 129 -7.11 2.74 5.65
C PRO B 129 -7.60 3.63 6.80
N ASN B 130 -8.55 4.52 6.48
CA ASN B 130 -9.09 5.51 7.41
C ASN B 130 -9.52 4.96 8.77
N SER B 131 -10.09 3.76 8.76
CA SER B 131 -10.62 3.16 9.97
C SER B 131 -9.56 2.91 11.05
N GLU B 132 -8.29 2.91 10.66
CA GLU B 132 -7.23 2.59 11.61
C GLU B 132 -6.50 3.84 12.06
N PHE B 133 -6.91 4.99 11.54
CA PHE B 133 -6.37 6.27 11.97
C PHE B 133 -6.81 6.53 13.41
N THR B 134 -5.84 6.78 14.29
CA THR B 134 -6.11 6.99 15.70
C THR B 134 -6.43 8.47 15.98
N TYR B 135 -7.41 9.00 15.25
CA TYR B 135 -7.89 10.36 15.49
C TYR B 135 -8.52 10.47 16.87
N GLU B 136 -8.73 11.70 17.32
CA GLU B 136 -9.54 11.92 18.51
C GLU B 136 -11.01 11.75 18.10
N ARG B 137 -11.69 10.82 18.75
CA ARG B 137 -13.05 10.48 18.33
C ARG B 137 -14.10 10.94 19.32
N ARG B 138 -13.68 11.66 20.35
CA ARG B 138 -14.63 12.19 21.31
C ARG B 138 -15.06 13.58 20.86
N ASP B 139 -16.34 13.69 20.51
CA ASP B 139 -16.93 14.94 20.02
C ASP B 139 -16.83 16.11 21.00
N ALA B 140 -16.64 15.80 22.28
CA ALA B 140 -16.53 16.83 23.30
C ALA B 140 -15.22 17.59 23.20
N SER B 141 -14.26 17.02 22.49
CA SER B 141 -12.95 17.65 22.35
C SER B 141 -12.88 18.51 21.09
N THR B 142 -12.01 19.52 21.13
CA THR B 142 -11.78 20.40 19.99
C THR B 142 -10.95 19.73 18.91
N ALA B 143 -10.37 18.58 19.22
CA ALA B 143 -9.53 17.85 18.28
C ALA B 143 -10.36 16.79 17.56
N TYR B 144 -11.68 16.86 17.71
CA TYR B 144 -12.58 15.83 17.19
C TYR B 144 -12.58 15.77 15.66
N ILE B 145 -12.38 14.57 15.13
CA ILE B 145 -12.56 14.30 13.70
C ILE B 145 -13.46 13.10 13.56
N PRO B 146 -14.64 13.29 12.96
CA PRO B 146 -15.64 12.23 12.76
C PRO B 146 -15.11 11.02 12.00
N GLU B 147 -15.78 9.88 12.17
CA GLU B 147 -15.40 8.65 11.46
C GLU B 147 -15.69 8.78 9.97
N GLY B 148 -14.84 8.18 9.15
CA GLY B 148 -15.02 8.26 7.70
C GLY B 148 -14.39 9.52 7.16
N GLU B 149 -14.16 10.48 8.05
CA GLU B 149 -13.50 11.73 7.68
C GLU B 149 -12.01 11.50 7.86
N GLY B 150 -11.20 12.43 7.37
CA GLY B 150 -9.76 12.26 7.42
C GLY B 150 -9.10 12.06 6.08
N ARG B 151 -7.84 12.46 6.02
CA ARG B 151 -7.01 12.48 4.82
C ARG B 151 -5.80 11.55 4.94
N TYR B 152 -4.86 12.01 5.75
CA TYR B 152 -3.66 11.28 6.12
C TYR B 152 -3.68 11.19 7.64
N TYR B 153 -2.90 10.30 8.22
CA TYR B 153 -2.63 10.44 9.64
C TYR B 153 -1.25 11.09 9.75
N TYR B 154 -1.25 12.41 9.93
CA TYR B 154 0.01 13.15 10.00
C TYR B 154 0.71 12.89 11.31
N ALA B 155 2.01 13.21 11.35
CA ALA B 155 2.78 13.00 12.56
C ALA B 155 3.10 14.34 13.19
N GLY B 156 3.53 14.31 14.45
CA GLY B 156 3.87 15.52 15.17
C GLY B 156 5.37 15.73 15.22
N GLY B 157 6.09 14.80 14.59
CA GLY B 157 7.55 14.82 14.62
C GLY B 157 8.15 15.78 13.61
N LEU B 158 7.37 16.17 12.61
CA LEU B 158 7.84 17.12 11.61
C LEU B 158 6.68 17.90 11.03
N SER B 159 6.69 19.22 11.26
CA SER B 159 5.71 20.14 10.70
C SER B 159 6.37 21.50 10.52
N GLY B 160 5.79 22.35 9.69
CA GLY B 160 6.34 23.68 9.50
C GLY B 160 5.64 24.51 8.45
N GLY B 161 6.37 25.49 7.91
CA GLY B 161 5.86 26.34 6.85
C GLY B 161 6.43 27.75 6.89
N CYS B 162 5.79 28.67 6.19
CA CYS B 162 6.18 30.06 6.26
C CYS B 162 5.85 30.57 7.67
N THR B 163 6.69 31.45 8.20
CA THR B 163 6.60 31.87 9.59
C THR B 163 5.21 32.33 10.03
N LYS B 164 4.56 33.15 9.22
CA LYS B 164 3.24 33.65 9.57
C LYS B 164 2.22 32.51 9.68
N ALA B 165 2.15 31.67 8.65
CA ALA B 165 1.18 30.58 8.64
C ALA B 165 1.38 29.60 9.79
N TYR B 166 2.64 29.35 10.13
CA TYR B 166 2.93 28.35 11.15
C TYR B 166 2.57 28.92 12.54
N LEU B 167 2.87 30.20 12.76
CA LEU B 167 2.49 30.85 14.01
C LEU B 167 0.98 30.96 14.13
N LYS B 168 0.30 31.07 12.99
CA LYS B 168 -1.15 31.02 12.96
C LYS B 168 -1.62 29.65 13.44
N LEU B 169 -0.88 28.63 13.03
CA LEU B 169 -1.16 27.25 13.44
C LEU B 169 -0.87 27.07 14.93
N CYS B 170 0.27 27.59 15.38
CA CYS B 170 0.62 27.54 16.79
C CYS B 170 -0.41 28.25 17.65
N THR B 171 -0.83 29.44 17.21
CA THR B 171 -1.78 30.25 17.98
C THR B 171 -3.11 29.54 18.09
N THR B 172 -3.58 28.97 16.98
CA THR B 172 -4.86 28.28 16.95
C THR B 172 -4.89 27.03 17.83
N ILE B 173 -3.90 26.16 17.67
CA ILE B 173 -3.85 24.92 18.43
C ILE B 173 -3.71 25.20 19.92
N CYS B 174 -2.95 26.25 20.24
CA CYS B 174 -2.77 26.68 21.62
C CYS B 174 -4.13 27.02 22.25
N SER B 175 -4.98 27.71 21.51
CA SER B 175 -6.33 28.03 21.97
C SER B 175 -7.15 26.74 22.18
N TRP B 176 -6.99 25.79 21.27
CA TRP B 176 -7.68 24.51 21.34
C TRP B 176 -7.27 23.71 22.58
N VAL B 177 -5.98 23.73 22.87
CA VAL B 177 -5.42 23.04 24.03
C VAL B 177 -6.02 23.59 25.32
N ASP B 178 -6.01 24.92 25.44
CA ASP B 178 -6.51 25.59 26.62
C ASP B 178 -8.02 25.36 26.79
N ARG B 179 -8.73 25.43 25.67
CA ARG B 179 -10.18 25.26 25.64
C ARG B 179 -10.59 23.83 26.05
N ASP B 180 -9.79 22.85 25.69
CA ASP B 180 -10.06 21.47 26.10
C ASP B 180 -9.73 21.26 27.58
N ALA B 181 -8.75 22.00 28.06
CA ALA B 181 -8.33 21.93 29.44
C ALA B 181 -9.45 22.32 30.39
N THR B 182 -10.21 23.34 30.00
CA THR B 182 -11.33 23.82 30.80
C THR B 182 -12.48 22.83 30.89
N ASN B 183 -12.57 21.93 29.91
CA ASN B 183 -13.61 20.90 29.89
C ASN B 183 -13.10 19.54 30.36
N HIS B 184 -11.92 19.56 30.97
CA HIS B 184 -11.32 18.39 31.61
C HIS B 184 -11.07 17.27 30.60
N ILE B 185 -10.47 17.61 29.47
CA ILE B 185 -10.14 16.65 28.43
C ILE B 185 -8.74 16.89 27.87
N ILE B 186 -7.94 15.84 27.79
CA ILE B 186 -6.70 15.89 27.03
C ILE B 186 -6.83 14.89 25.89
N PRO B 187 -6.69 15.34 24.64
CA PRO B 187 -6.79 14.42 23.50
C PRO B 187 -5.77 13.29 23.62
N ILE B 188 -6.09 12.13 23.13
CA ILE B 188 -5.31 10.95 23.42
C ILE B 188 -3.89 11.02 22.95
N TRP B 189 -3.67 11.64 21.81
CA TRP B 189 -2.34 11.71 21.25
C TRP B 189 -1.77 13.08 21.20
N HIS B 190 -2.34 13.98 21.95
CA HIS B 190 -1.70 15.24 22.22
C HIS B 190 -1.37 16.05 21.02
N ASP B 191 -0.13 16.36 20.80
CA ASP B 191 0.14 17.27 19.77
C ASP B 191 -0.36 16.77 18.43
N GLN B 192 -0.29 15.48 18.20
CA GLN B 192 -0.66 14.94 16.93
C GLN B 192 -2.12 14.60 16.78
N SER B 193 -2.86 14.60 17.84
CA SER B 193 -4.29 14.58 17.78
C SER B 193 -4.82 15.90 17.25
N LEU B 194 -4.19 16.96 17.72
CA LEU B 194 -4.47 18.35 17.42
C LEU B 194 -3.98 18.79 16.04
N ILE B 195 -2.76 18.40 15.68
CA ILE B 195 -2.19 18.80 14.39
C ILE B 195 -2.98 18.13 13.26
N ASN B 196 -3.55 16.96 13.53
CA ASN B 196 -4.36 16.26 12.53
C ASN B 196 -5.70 16.96 12.32
N LYS B 197 -6.23 17.56 13.39
CA LYS B 197 -7.43 18.38 13.30
C LYS B 197 -7.16 19.65 12.51
N TYR B 198 -6.03 20.29 12.76
CA TYR B 198 -5.68 21.51 12.07
C TYR B 198 -5.43 21.27 10.58
N PHE B 199 -4.79 20.14 10.26
CA PHE B 199 -4.47 19.81 8.87
C PHE B 199 -5.67 19.27 8.12
N LEU B 200 -6.76 18.97 8.84
CA LEU B 200 -8.01 18.60 8.20
C LEU B 200 -8.71 19.84 7.67
N ASP B 201 -8.78 20.87 8.50
CA ASP B 201 -9.39 22.14 8.12
C ASP B 201 -8.48 22.94 7.19
N ASN B 202 -7.18 22.78 7.40
CA ASN B 202 -6.20 23.43 6.53
C ASN B 202 -5.20 22.43 5.96
N PRO B 203 -5.60 21.74 4.87
CA PRO B 203 -4.74 20.82 4.13
C PRO B 203 -3.42 21.48 3.74
N PRO B 204 -2.30 20.97 4.27
CA PRO B 204 -0.99 21.58 4.03
C PRO B 204 -0.57 21.50 2.57
N ALA B 205 0.15 22.51 2.10
CA ALA B 205 0.60 22.59 0.73
C ALA B 205 1.53 21.44 0.39
N ILE B 206 2.32 21.01 1.38
CA ILE B 206 3.25 19.90 1.20
C ILE B 206 3.02 18.79 2.23
N THR B 207 2.93 17.55 1.75
CA THR B 207 2.83 16.38 2.63
C THR B 207 4.01 15.44 2.39
N LEU B 208 4.92 15.37 3.37
CA LEU B 208 6.11 14.54 3.25
C LEU B 208 5.83 13.07 3.54
N SER B 209 6.48 12.19 2.78
CA SER B 209 6.41 10.75 2.96
C SER B 209 7.20 10.32 4.20
N PRO B 210 6.95 9.10 4.70
CA PRO B 210 7.71 8.59 5.84
C PRO B 210 9.22 8.42 5.57
N ALA B 211 9.69 8.86 4.41
CA ALA B 211 11.11 8.94 4.13
C ALA B 211 11.73 10.07 4.94
N TYR B 212 10.88 10.97 5.41
CA TYR B 212 11.30 12.09 6.24
C TYR B 212 11.02 11.81 7.72
N LEU B 213 10.47 10.63 7.99
CA LEU B 213 10.28 10.12 9.35
C LEU B 213 10.50 8.62 9.34
N TYR B 214 11.72 8.23 8.96
CA TYR B 214 12.06 6.83 8.76
C TYR B 214 12.50 6.19 10.08
N PRO B 215 11.69 5.27 10.61
CA PRO B 215 12.04 4.61 11.86
C PRO B 215 13.24 3.68 11.69
N GLU B 216 14.23 3.81 12.56
CA GLU B 216 15.44 3.00 12.47
C GLU B 216 15.14 1.52 12.67
N GLY B 217 15.65 0.69 11.76
CA GLY B 217 15.45 -0.73 11.85
C GLY B 217 14.36 -1.20 10.91
N TRP B 218 13.48 -0.27 10.53
CA TRP B 218 12.39 -0.58 9.62
C TRP B 218 12.88 -0.75 8.18
N LEU B 219 12.10 -1.48 7.40
CA LEU B 219 12.35 -1.60 5.97
C LEU B 219 11.19 -0.99 5.18
N LEU B 220 11.37 0.24 4.70
CA LEU B 220 10.32 0.91 3.95
C LEU B 220 10.77 1.12 2.51
N PRO B 221 9.82 1.26 1.59
CA PRO B 221 10.08 1.51 0.17
C PRO B 221 10.63 2.90 -0.12
N PHE B 222 11.51 3.39 0.75
CA PHE B 222 12.19 4.67 0.56
C PHE B 222 13.66 4.62 0.95
N GLU B 223 14.43 5.57 0.42
CA GLU B 223 15.73 5.86 1.00
C GLU B 223 15.46 6.77 2.17
N PRO B 224 16.07 6.48 3.32
CA PRO B 224 15.82 7.35 4.47
C PRO B 224 16.46 8.72 4.24
N ILE B 225 15.65 9.77 4.31
CA ILE B 225 16.16 11.13 4.24
C ILE B 225 16.36 11.66 5.65
N ILE B 226 15.34 11.47 6.49
CA ILE B 226 15.43 11.79 7.90
C ILE B 226 15.14 10.53 8.71
N LEU B 227 16.06 10.20 9.61
CA LEU B 227 15.95 9.01 10.45
C LEU B 227 15.36 9.35 11.82
N ILE B 228 14.51 8.46 12.35
CA ILE B 228 14.09 8.55 13.74
C ILE B 228 14.97 7.64 14.59
N ARG B 229 15.95 8.23 15.28
CA ARG B 229 16.85 7.44 16.12
C ARG B 229 16.04 6.74 17.20
N ASP B 230 16.38 5.47 17.46
CA ASP B 230 15.70 4.69 18.48
C ASP B 230 15.93 5.30 19.87
N LYS B 231 14.82 5.58 20.55
CA LYS B 231 14.82 6.16 21.90
C LYS B 231 15.42 5.24 22.96
N ASN B 232 14.88 4.02 23.08
CA ASN B 232 15.27 3.11 24.15
C ASN B 232 16.57 2.34 23.89
N LYS B 233 17.28 2.70 22.84
CA LYS B 233 18.61 2.14 22.59
C LYS B 233 19.54 2.56 23.74
N PRO B 234 20.47 1.68 24.13
CA PRO B 234 21.29 1.89 25.33
C PRO B 234 22.13 3.18 25.35
N GLN B 235 22.56 3.70 24.21
CA GLN B 235 23.34 4.94 24.23
C GLN B 235 22.47 6.16 24.55
N TYR B 236 21.18 5.92 24.73
CA TYR B 236 20.24 7.01 25.01
C TYR B 236 19.35 6.71 26.21
N MET C 1 -4.22 -38.11 5.99
CA MET C 1 -4.44 -37.55 7.32
C MET C 1 -5.82 -36.88 7.36
N ARG C 2 -6.46 -36.90 8.51
CA ARG C 2 -7.78 -36.32 8.66
C ARG C 2 -7.64 -34.98 9.40
N ILE C 3 -8.03 -33.90 8.73
CA ILE C 3 -7.87 -32.56 9.29
C ILE C 3 -9.20 -31.96 9.75
N GLY C 4 -9.27 -31.64 11.04
CA GLY C 4 -10.47 -31.07 11.62
C GLY C 4 -10.40 -29.56 11.65
N ILE C 5 -11.42 -28.92 11.09
CA ILE C 5 -11.53 -27.47 11.12
C ILE C 5 -12.54 -27.07 12.18
N LEU C 6 -12.09 -26.23 13.11
CA LEU C 6 -12.94 -25.71 14.17
C LEU C 6 -13.52 -24.38 13.73
N TYR C 7 -14.83 -24.21 13.92
CA TYR C 7 -15.50 -23.04 13.37
C TYR C 7 -16.72 -22.66 14.21
N ILE C 8 -16.68 -21.47 14.80
CA ILE C 8 -17.80 -20.99 15.60
C ILE C 8 -18.53 -19.88 14.85
N CYS C 9 -19.80 -20.11 14.54
CA CYS C 9 -20.61 -19.11 13.85
C CYS C 9 -22.03 -19.03 14.42
N THR C 10 -22.13 -18.69 15.70
CA THR C 10 -23.42 -18.49 16.34
C THR C 10 -23.99 -17.13 15.98
N GLY C 11 -25.26 -16.91 16.31
CA GLY C 11 -25.93 -15.64 16.12
C GLY C 11 -25.87 -15.07 14.72
N LYS C 12 -25.34 -13.84 14.61
CA LYS C 12 -25.31 -13.13 13.34
C LYS C 12 -24.03 -13.39 12.54
N TYR C 13 -23.37 -14.50 12.81
CA TYR C 13 -22.10 -14.79 12.16
C TYR C 13 -22.21 -15.92 11.15
N ASP C 14 -23.42 -16.45 10.95
CA ASP C 14 -23.62 -17.58 10.05
C ASP C 14 -23.64 -17.16 8.57
N ILE C 15 -23.72 -15.86 8.31
CA ILE C 15 -23.62 -15.35 6.95
C ILE C 15 -22.20 -15.51 6.42
N PHE C 16 -21.24 -15.68 7.33
CA PHE C 16 -19.84 -15.80 6.95
C PHE C 16 -19.48 -17.23 6.60
N TRP C 17 -20.36 -18.17 6.95
CA TRP C 17 -20.07 -19.59 6.74
C TRP C 17 -20.00 -20.01 5.28
N LYS C 18 -20.93 -19.52 4.46
CA LYS C 18 -21.00 -19.92 3.05
C LYS C 18 -19.70 -19.68 2.28
N ASP C 19 -19.26 -18.44 2.21
CA ASP C 19 -18.07 -18.09 1.44
C ASP C 19 -16.81 -18.67 2.07
N PHE C 20 -16.82 -18.84 3.39
CA PHE C 20 -15.71 -19.50 4.08
C PHE C 20 -15.63 -20.96 3.64
N TYR C 21 -16.77 -21.64 3.66
CA TYR C 21 -16.84 -23.05 3.26
C TYR C 21 -16.40 -23.28 1.81
N LEU C 22 -16.92 -22.46 0.90
CA LEU C 22 -16.59 -22.60 -0.51
C LEU C 22 -15.10 -22.37 -0.77
N SER C 23 -14.54 -21.37 -0.11
CA SER C 23 -13.12 -21.07 -0.24
C SER C 23 -12.28 -22.20 0.30
N ALA C 24 -12.79 -22.88 1.35
CA ALA C 24 -12.04 -23.96 1.96
C ALA C 24 -12.06 -25.23 1.10
N GLU C 25 -13.19 -25.47 0.44
CA GLU C 25 -13.31 -26.61 -0.47
C GLU C 25 -12.58 -26.35 -1.79
N ARG C 26 -12.03 -25.14 -1.91
CA ARG C 26 -11.36 -24.70 -3.12
C ARG C 26 -9.87 -24.52 -2.91
N TYR C 27 -9.49 -23.93 -1.77
CA TYR C 27 -8.11 -23.56 -1.53
C TYR C 27 -7.44 -24.32 -0.37
N PHE C 28 -8.23 -24.82 0.57
CA PHE C 28 -7.67 -25.40 1.78
C PHE C 28 -7.42 -26.90 1.67
N MET C 29 -6.15 -27.28 1.66
CA MET C 29 -5.76 -28.68 1.68
C MET C 29 -6.48 -29.51 0.61
N GLN C 30 -6.56 -29.01 -0.62
CA GLN C 30 -7.30 -29.74 -1.64
C GLN C 30 -6.38 -30.68 -2.41
N ASP C 31 -5.18 -30.88 -1.92
CA ASP C 31 -4.38 -31.97 -2.38
C ASP C 31 -5.21 -33.12 -1.88
N GLN C 32 -5.27 -34.19 -2.64
CA GLN C 32 -6.22 -35.25 -2.38
C GLN C 32 -5.82 -36.03 -1.18
N SER C 33 -4.58 -35.89 -0.76
CA SER C 33 -4.13 -36.76 0.30
C SER C 33 -4.99 -36.58 1.55
N PHE C 34 -5.18 -35.34 2.00
CA PHE C 34 -5.79 -35.10 3.27
C PHE C 34 -7.28 -35.16 3.13
N ILE C 35 -7.99 -35.31 4.24
CA ILE C 35 -9.42 -35.30 4.17
C ILE C 35 -9.99 -34.34 5.18
N ILE C 36 -10.93 -33.55 4.77
CA ILE C 36 -11.28 -32.41 5.62
C ILE C 36 -12.65 -32.61 6.27
N GLU C 37 -12.68 -32.54 7.60
CA GLU C 37 -13.93 -32.60 8.36
C GLU C 37 -14.19 -31.26 9.05
N TYR C 38 -15.37 -30.68 8.82
CA TYR C 38 -15.75 -29.41 9.43
C TYR C 38 -16.55 -29.60 10.72
N TYR C 39 -16.06 -29.06 11.83
CA TYR C 39 -16.79 -29.12 13.10
C TYR C 39 -17.37 -27.74 13.40
N VAL C 40 -18.60 -27.53 12.97
CA VAL C 40 -19.20 -26.20 12.97
C VAL C 40 -20.20 -26.02 14.11
N PHE C 41 -19.80 -25.24 15.11
CA PHE C 41 -20.64 -24.96 16.26
C PHE C 41 -21.56 -23.77 15.98
N THR C 42 -22.86 -24.01 15.94
CA THR C 42 -23.80 -22.92 15.66
C THR C 42 -25.21 -23.23 16.17
N ASP C 43 -26.03 -22.19 16.22
CA ASP C 43 -27.44 -22.32 16.59
C ASP C 43 -28.31 -22.12 15.36
N SER C 44 -27.70 -22.02 14.19
CA SER C 44 -28.44 -21.86 12.94
C SER C 44 -29.12 -23.19 12.64
N PRO C 45 -30.38 -23.14 12.20
CA PRO C 45 -31.07 -24.40 11.90
C PRO C 45 -30.52 -25.09 10.67
N LYS C 46 -30.15 -24.31 9.66
CA LYS C 46 -29.67 -24.92 8.44
C LYS C 46 -28.45 -24.18 7.93
N LEU C 47 -27.48 -24.93 7.41
CA LEU C 47 -26.28 -24.37 6.84
C LEU C 47 -26.24 -24.56 5.33
N TYR C 48 -25.44 -23.75 4.64
CA TYR C 48 -25.26 -23.90 3.19
C TYR C 48 -24.59 -25.25 2.92
N ASP C 49 -25.16 -26.02 2.01
CA ASP C 49 -24.57 -27.28 1.54
C ASP C 49 -24.52 -28.36 2.61
N GLU C 50 -25.32 -28.19 3.65
CA GLU C 50 -25.38 -29.18 4.72
C GLU C 50 -25.99 -30.49 4.24
N GLU C 51 -26.92 -30.41 3.30
CA GLU C 51 -27.63 -31.60 2.81
C GLU C 51 -26.87 -32.40 1.75
N ASN C 52 -25.75 -31.85 1.26
CA ASN C 52 -24.99 -32.58 0.24
C ASN C 52 -23.67 -33.11 0.81
N ASN C 53 -23.03 -32.36 1.69
CA ASN C 53 -21.74 -32.79 2.22
C ASN C 53 -21.85 -33.42 3.62
N LYS C 54 -21.34 -34.64 3.72
CA LYS C 54 -21.40 -35.41 4.95
C LYS C 54 -20.20 -35.06 5.82
N HIS C 55 -19.30 -34.24 5.31
CA HIS C 55 -18.10 -33.87 6.05
C HIS C 55 -18.36 -32.60 6.87
N ILE C 56 -19.55 -32.03 6.70
CA ILE C 56 -19.99 -30.91 7.52
C ILE C 56 -20.65 -31.43 8.80
N HIS C 57 -19.94 -31.33 9.92
CA HIS C 57 -20.46 -31.77 11.20
C HIS C 57 -20.91 -30.58 12.04
N ARG C 58 -22.22 -30.34 12.04
CA ARG C 58 -22.80 -29.27 12.84
C ARG C 58 -22.93 -29.75 14.28
N ILE C 59 -22.40 -28.97 15.21
CA ILE C 59 -22.54 -29.30 16.62
C ILE C 59 -23.45 -28.25 17.23
N LYS C 60 -24.38 -28.69 18.07
CA LYS C 60 -25.34 -27.77 18.65
C LYS C 60 -24.63 -26.92 19.70
N GLN C 61 -24.76 -25.61 19.55
CA GLN C 61 -24.13 -24.67 20.45
C GLN C 61 -25.02 -23.44 20.55
N LYS C 62 -25.28 -23.03 21.79
CA LYS C 62 -26.12 -21.89 22.04
C LYS C 62 -25.31 -20.61 21.96
N ASN C 63 -25.97 -19.49 21.69
CA ASN C 63 -25.28 -18.21 21.71
C ASN C 63 -25.01 -17.81 23.15
N LEU C 64 -23.74 -17.66 23.49
CA LEU C 64 -23.34 -17.30 24.84
C LEU C 64 -23.24 -15.80 24.91
N GLY C 65 -23.16 -15.16 23.74
CA GLY C 65 -23.04 -13.72 23.70
C GLY C 65 -21.64 -13.24 23.99
N TRP C 66 -21.43 -11.94 23.93
CA TRP C 66 -20.14 -11.37 24.29
C TRP C 66 -19.98 -11.25 25.81
N PRO C 67 -18.81 -11.64 26.34
CA PRO C 67 -17.65 -12.16 25.63
C PRO C 67 -17.48 -13.69 25.64
N ASP C 68 -18.39 -14.43 26.27
CA ASP C 68 -18.19 -15.87 26.45
C ASP C 68 -18.05 -16.66 25.13
N ASN C 69 -18.64 -16.12 24.06
CA ASN C 69 -18.56 -16.77 22.76
C ASN C 69 -17.13 -16.87 22.23
N THR C 70 -16.28 -15.93 22.61
CA THR C 70 -14.87 -15.97 22.24
C THR C 70 -14.02 -16.40 23.44
N LEU C 71 -14.54 -16.12 24.63
CA LEU C 71 -13.85 -16.42 25.88
C LEU C 71 -13.90 -17.91 26.18
N LYS C 72 -15.08 -18.50 26.02
CA LYS C 72 -15.26 -19.92 26.30
C LYS C 72 -15.01 -20.71 25.02
N ARG C 73 -14.17 -20.19 24.14
CA ARG C 73 -13.90 -20.80 22.83
C ARG C 73 -13.29 -22.18 22.96
N PHE C 74 -12.39 -22.33 23.91
CA PHE C 74 -11.70 -23.59 24.12
C PHE C 74 -12.57 -24.53 24.96
N HIS C 75 -13.50 -23.94 25.69
CA HIS C 75 -14.51 -24.71 26.41
C HIS C 75 -15.39 -25.43 25.39
N ILE C 76 -15.70 -24.74 24.29
CA ILE C 76 -16.56 -25.29 23.24
C ILE C 76 -15.90 -26.49 22.54
N PHE C 77 -14.59 -26.37 22.30
CA PHE C 77 -13.84 -27.40 21.61
C PHE C 77 -13.75 -28.67 22.45
N LEU C 78 -13.58 -28.50 23.76
CA LEU C 78 -13.43 -29.63 24.67
C LEU C 78 -14.76 -30.37 24.90
N ARG C 79 -15.86 -29.82 24.40
CA ARG C 79 -17.17 -30.45 24.54
C ARG C 79 -17.28 -31.72 23.71
N ILE C 80 -16.51 -31.78 22.62
CA ILE C 80 -16.51 -32.93 21.74
C ILE C 80 -15.09 -33.47 21.60
N LYS C 81 -14.33 -33.41 22.71
CA LYS C 81 -12.92 -33.77 22.73
C LYS C 81 -12.64 -35.19 22.27
N GLU C 82 -13.55 -36.10 22.62
CA GLU C 82 -13.38 -37.51 22.26
C GLU C 82 -13.57 -37.74 20.76
N GLN C 83 -14.56 -37.07 20.18
CA GLN C 83 -14.86 -37.20 18.76
C GLN C 83 -13.71 -36.75 17.87
N LEU C 84 -12.99 -35.73 18.31
CA LEU C 84 -11.89 -35.21 17.50
C LEU C 84 -10.70 -36.17 17.47
N GLU C 85 -10.45 -36.85 18.58
CA GLU C 85 -9.30 -37.75 18.64
C GLU C 85 -9.45 -39.04 17.85
N ARG C 86 -10.70 -39.40 17.58
CA ARG C 86 -10.95 -40.65 16.87
C ARG C 86 -11.19 -40.34 15.40
N GLU C 87 -11.43 -39.06 15.11
CA GLU C 87 -11.76 -38.63 13.76
C GLU C 87 -10.73 -37.69 13.13
N THR C 88 -9.81 -37.12 13.94
CA THR C 88 -8.85 -36.15 13.41
C THR C 88 -7.39 -36.46 13.70
N ASP C 89 -6.51 -35.93 12.85
CA ASP C 89 -5.07 -36.01 13.05
C ASP C 89 -4.51 -34.61 13.32
N TYR C 90 -5.16 -33.60 12.72
CA TYR C 90 -4.81 -32.21 12.97
C TYR C 90 -6.06 -31.35 13.21
N LEU C 91 -5.91 -30.33 14.04
CA LEU C 91 -6.99 -29.38 14.29
C LEU C 91 -6.55 -27.95 13.98
N PHE C 92 -7.44 -27.18 13.36
CA PHE C 92 -7.19 -25.79 13.03
C PHE C 92 -8.46 -24.95 13.28
N PHE C 93 -8.33 -23.87 14.03
CA PHE C 93 -9.46 -22.97 14.23
C PHE C 93 -9.37 -21.74 13.35
N PHE C 94 -10.51 -21.34 12.80
CA PHE C 94 -10.60 -20.13 12.00
C PHE C 94 -11.75 -19.25 12.47
N ASN C 95 -11.52 -17.94 12.47
CA ASN C 95 -12.59 -17.01 12.77
C ASN C 95 -13.62 -17.04 11.65
N ALA C 96 -14.85 -16.70 11.98
CA ALA C 96 -15.96 -16.79 11.04
C ALA C 96 -15.70 -15.99 9.78
N ASN C 97 -15.18 -14.78 9.95
CA ASN C 97 -15.02 -13.85 8.84
C ASN C 97 -13.75 -14.05 8.01
N LEU C 98 -13.10 -15.20 8.14
CA LEU C 98 -11.89 -15.47 7.35
C LEU C 98 -12.23 -15.99 5.96
N LEU C 99 -11.35 -15.74 5.00
CA LEU C 99 -11.57 -16.14 3.61
C LEU C 99 -10.29 -16.57 2.90
N PHE C 100 -10.28 -17.79 2.40
CA PHE C 100 -9.14 -18.30 1.64
C PHE C 100 -9.09 -17.67 0.25
N THR C 101 -7.87 -17.39 -0.22
CA THR C 101 -7.68 -16.75 -1.51
C THR C 101 -6.61 -17.48 -2.32
N SER C 102 -5.72 -18.17 -1.61
CA SER C 102 -4.67 -18.94 -2.30
C SER C 102 -4.56 -20.36 -1.75
N PRO C 103 -4.04 -21.30 -2.57
CA PRO C 103 -3.95 -22.69 -2.11
C PRO C 103 -3.03 -22.83 -0.90
N ILE C 104 -3.40 -23.74 0.01
CA ILE C 104 -2.63 -24.01 1.22
C ILE C 104 -2.40 -25.51 1.34
N GLY C 105 -1.17 -25.91 1.55
CA GLY C 105 -0.83 -27.32 1.60
C GLY C 105 -0.15 -27.74 2.89
N LYS C 106 0.69 -28.76 2.79
CA LYS C 106 1.30 -29.41 3.94
C LYS C 106 2.35 -28.56 4.65
N GLU C 107 2.57 -27.34 4.19
CA GLU C 107 3.58 -26.46 4.75
C GLU C 107 3.19 -25.94 6.14
N ILE C 108 1.91 -26.09 6.48
CA ILE C 108 1.39 -25.58 7.75
C ILE C 108 1.12 -26.70 8.75
N LEU C 109 1.53 -27.92 8.41
CA LEU C 109 1.41 -29.01 9.35
C LEU C 109 2.66 -29.04 10.22
N PRO C 110 2.50 -28.83 11.52
CA PRO C 110 3.67 -28.90 12.41
C PRO C 110 4.25 -30.30 12.39
N PRO C 111 5.57 -30.42 12.19
CA PRO C 111 6.20 -31.75 12.12
C PRO C 111 5.87 -32.61 13.33
N SER C 112 5.72 -33.92 13.10
CA SER C 112 5.32 -34.83 14.17
C SER C 112 6.45 -34.98 15.18
N ASP C 113 7.62 -34.47 14.81
CA ASP C 113 8.81 -34.55 15.66
C ASP C 113 8.89 -33.31 16.56
N SER C 114 8.06 -32.31 16.28
CA SER C 114 8.02 -31.09 17.08
C SER C 114 6.91 -31.12 18.11
N ASN C 115 6.68 -29.99 18.78
CA ASN C 115 5.61 -29.88 19.77
C ASN C 115 4.22 -29.84 19.13
N GLY C 116 4.19 -29.65 17.81
CA GLY C 116 2.95 -29.76 17.07
C GLY C 116 1.93 -28.66 17.26
N LEU C 117 2.40 -27.42 17.40
CA LEU C 117 1.51 -26.28 17.61
C LEU C 117 1.60 -25.25 16.49
N LEU C 118 0.49 -24.57 16.21
CA LEU C 118 0.48 -23.54 15.18
C LEU C 118 -0.11 -22.22 15.69
N GLY C 119 0.65 -21.15 15.51
CA GLY C 119 0.19 -19.81 15.83
C GLY C 119 0.33 -18.90 14.63
N THR C 120 -0.39 -17.78 14.65
CA THR C 120 -0.35 -16.83 13.54
C THR C 120 -0.04 -15.43 14.07
N MET C 121 0.88 -14.72 13.42
CA MET C 121 1.25 -13.38 13.83
C MET C 121 0.13 -12.38 13.58
N HIS C 122 -0.14 -11.54 14.57
CA HIS C 122 -1.15 -10.48 14.42
C HIS C 122 -0.63 -9.39 13.47
N PRO C 123 -1.47 -9.01 12.49
CA PRO C 123 -1.07 -8.08 11.43
C PRO C 123 -0.81 -6.65 11.91
N GLY C 124 -1.28 -6.33 13.11
CA GLY C 124 -1.14 -4.99 13.64
C GLY C 124 0.06 -4.82 14.56
N PHE C 125 0.84 -5.89 14.73
CA PHE C 125 1.93 -5.87 15.68
C PHE C 125 3.25 -6.45 15.15
N TYR C 126 3.22 -7.00 13.94
CA TYR C 126 4.39 -7.67 13.35
C TYR C 126 5.58 -6.72 13.15
N ASN C 127 5.27 -5.43 13.09
CA ASN C 127 6.25 -4.38 12.84
C ASN C 127 6.52 -3.57 14.11
N LYS C 128 5.95 -4.02 15.22
CA LYS C 128 6.10 -3.27 16.46
C LYS C 128 7.02 -4.01 17.41
N PRO C 129 7.70 -3.24 18.28
CA PRO C 129 8.62 -3.83 19.24
C PRO C 129 7.85 -4.37 20.44
N ASN C 130 8.53 -5.18 21.25
CA ASN C 130 7.95 -5.84 22.40
C ASN C 130 7.20 -4.89 23.34
N SER C 131 7.72 -3.66 23.45
CA SER C 131 7.16 -2.68 24.38
C SER C 131 5.71 -2.28 24.07
N GLU C 132 5.26 -2.56 22.85
CA GLU C 132 3.91 -2.15 22.44
C GLU C 132 2.95 -3.33 22.40
N PHE C 133 3.45 -4.53 22.72
CA PHE C 133 2.59 -5.71 22.75
C PHE C 133 1.57 -5.54 23.85
N THR C 134 0.29 -5.66 23.50
CA THR C 134 -0.79 -5.47 24.46
C THR C 134 -1.07 -6.78 25.18
N TYR C 135 -0.02 -7.36 25.76
CA TYR C 135 -0.15 -8.52 26.64
C TYR C 135 -0.94 -8.13 27.89
N GLU C 136 -1.38 -9.12 28.65
CA GLU C 136 -1.91 -8.86 29.98
C GLU C 136 -0.75 -8.57 30.93
N ARG C 137 -0.80 -7.43 31.58
CA ARG C 137 0.32 -6.96 32.41
C ARG C 137 0.01 -7.06 33.90
N ARG C 138 -1.13 -7.62 34.24
CA ARG C 138 -1.52 -7.82 35.63
C ARG C 138 -1.06 -9.18 36.14
N ASP C 139 -0.12 -9.18 37.09
CA ASP C 139 0.44 -10.40 37.65
C ASP C 139 -0.61 -11.33 38.27
N ALA C 140 -1.76 -10.77 38.61
CA ALA C 140 -2.86 -11.54 39.18
C ALA C 140 -3.53 -12.44 38.15
N SER C 141 -3.29 -12.16 36.86
CA SER C 141 -3.91 -12.92 35.78
C SER C 141 -3.04 -14.10 35.35
N THR C 142 -3.69 -15.14 34.82
CA THR C 142 -2.98 -16.30 34.31
C THR C 142 -2.34 -16.00 32.97
N ALA C 143 -2.77 -14.89 32.37
CA ALA C 143 -2.26 -14.48 31.06
C ALA C 143 -1.15 -13.46 31.25
N TYR C 144 -0.66 -13.33 32.48
CA TYR C 144 0.33 -12.31 32.79
C TYR C 144 1.65 -12.53 32.05
N ILE C 145 2.07 -11.49 31.35
CA ILE C 145 3.39 -11.43 30.73
C ILE C 145 4.05 -10.11 31.11
N PRO C 146 5.16 -10.17 31.85
CA PRO C 146 5.96 -9.03 32.31
C PRO C 146 6.50 -8.17 31.17
N GLU C 147 6.87 -6.94 31.49
CA GLU C 147 7.48 -6.03 30.52
C GLU C 147 8.82 -6.56 30.07
N GLY C 148 9.16 -6.33 28.81
CA GLY C 148 10.41 -6.78 28.23
C GLY C 148 10.42 -8.20 27.70
N GLU C 149 9.49 -9.03 28.16
CA GLU C 149 9.39 -10.41 27.67
C GLU C 149 8.44 -10.58 26.49
N GLY C 150 8.53 -11.74 25.85
CA GLY C 150 7.73 -12.02 24.67
C GLY C 150 8.55 -11.99 23.40
N ARG C 151 8.09 -12.74 22.40
CA ARG C 151 8.79 -12.82 21.13
C ARG C 151 7.91 -12.19 20.06
N TYR C 152 6.75 -12.80 19.82
CA TYR C 152 5.77 -12.27 18.87
C TYR C 152 4.46 -11.90 19.56
N TYR C 153 3.66 -11.08 18.89
CA TYR C 153 2.28 -10.87 19.32
C TYR C 153 1.36 -11.68 18.41
N TYR C 154 1.02 -12.88 18.89
CA TYR C 154 0.19 -13.80 18.13
C TYR C 154 -1.25 -13.30 18.13
N ALA C 155 -2.05 -13.79 17.18
CA ALA C 155 -3.45 -13.42 17.12
C ALA C 155 -4.27 -14.64 17.48
N GLY C 156 -5.55 -14.44 17.77
CA GLY C 156 -6.42 -15.54 18.13
C GLY C 156 -7.33 -15.99 17.00
N GLY C 157 -7.20 -15.37 15.84
CA GLY C 157 -8.10 -15.63 14.74
C GLY C 157 -7.78 -16.91 13.97
N LEU C 158 -6.56 -17.42 14.13
CA LEU C 158 -6.18 -18.68 13.47
C LEU C 158 -5.11 -19.34 14.31
N SER C 159 -5.43 -20.52 14.84
CA SER C 159 -4.49 -21.31 15.62
C SER C 159 -4.79 -22.80 15.44
N GLY C 160 -3.82 -23.64 15.75
CA GLY C 160 -4.01 -25.07 15.65
C GLY C 160 -2.77 -25.87 15.93
N GLY C 161 -2.73 -27.09 15.39
CA GLY C 161 -1.59 -27.97 15.57
C GLY C 161 -2.00 -29.44 15.54
N CYS C 162 -1.14 -30.30 16.05
CA CYS C 162 -1.49 -31.71 16.17
C CYS C 162 -2.64 -31.87 17.15
N THR C 163 -3.56 -32.78 16.84
CA THR C 163 -4.79 -32.95 17.61
C THR C 163 -4.51 -33.10 19.11
N LYS C 164 -3.49 -33.88 19.43
CA LYS C 164 -3.08 -34.09 20.83
C LYS C 164 -2.58 -32.81 21.47
N ALA C 165 -1.60 -32.18 20.83
CA ALA C 165 -0.97 -30.96 21.34
C ALA C 165 -1.96 -29.81 21.47
N TYR C 166 -2.87 -29.72 20.52
CA TYR C 166 -3.83 -28.63 20.49
C TYR C 166 -4.91 -28.79 21.56
N LEU C 167 -5.43 -30.00 21.72
CA LEU C 167 -6.42 -30.26 22.76
C LEU C 167 -5.80 -30.11 24.13
N LYS C 168 -4.49 -30.36 24.22
CA LYS C 168 -3.72 -30.12 25.43
C LYS C 168 -3.69 -28.63 25.76
N LEU C 169 -3.58 -27.83 24.70
CA LEU C 169 -3.59 -26.37 24.81
C LEU C 169 -4.99 -25.92 25.22
N CYS C 170 -6.00 -26.55 24.63
CA CYS C 170 -7.39 -26.24 24.97
C CYS C 170 -7.64 -26.45 26.46
N THR C 171 -7.11 -27.53 27.00
CA THR C 171 -7.29 -27.86 28.42
C THR C 171 -6.63 -26.81 29.33
N THR C 172 -5.40 -26.42 28.99
CA THR C 172 -4.66 -25.47 29.81
C THR C 172 -5.33 -24.09 29.87
N ILE C 173 -5.63 -23.53 28.70
CA ILE C 173 -6.25 -22.20 28.62
C ILE C 173 -7.65 -22.21 29.27
N CYS C 174 -8.40 -23.30 29.11
CA CYS C 174 -9.68 -23.41 29.81
C CYS C 174 -9.49 -23.32 31.32
N SER C 175 -8.45 -23.99 31.80
CA SER C 175 -8.12 -23.95 33.22
C SER C 175 -7.77 -22.54 33.66
N TRP C 176 -7.00 -21.83 32.82
CA TRP C 176 -6.60 -20.46 33.12
C TRP C 176 -7.76 -19.49 33.19
N VAL C 177 -8.71 -19.64 32.27
CA VAL C 177 -9.89 -18.78 32.25
C VAL C 177 -10.72 -18.92 33.52
N ASP C 178 -10.98 -20.17 33.91
CA ASP C 178 -11.80 -20.44 35.09
C ASP C 178 -11.14 -19.94 36.37
N ARG C 179 -9.83 -20.13 36.47
CA ARG C 179 -9.08 -19.65 37.63
C ARG C 179 -9.15 -18.13 37.70
N ASP C 180 -9.18 -17.50 36.53
CA ASP C 180 -9.29 -16.05 36.46
C ASP C 180 -10.72 -15.62 36.84
N ALA C 181 -11.70 -16.47 36.54
CA ALA C 181 -13.08 -16.18 36.92
C ALA C 181 -13.26 -16.19 38.44
N THR C 182 -12.72 -17.21 39.10
CA THR C 182 -12.78 -17.32 40.56
C THR C 182 -11.83 -16.33 41.26
N ASN C 183 -11.38 -15.33 40.53
CA ASN C 183 -10.54 -14.26 41.06
C ASN C 183 -11.07 -12.94 40.53
N HIS C 184 -12.25 -13.01 39.91
CA HIS C 184 -12.94 -11.85 39.36
C HIS C 184 -12.02 -11.16 38.36
N ILE C 185 -11.49 -11.96 37.43
CA ILE C 185 -10.59 -11.42 36.43
C ILE C 185 -10.92 -11.94 35.04
N ILE C 186 -11.11 -11.04 34.07
CA ILE C 186 -11.18 -11.45 32.69
C ILE C 186 -10.04 -10.75 32.09
N PRO C 187 -9.22 -11.46 31.34
CA PRO C 187 -8.01 -10.92 30.73
C PRO C 187 -8.29 -9.92 29.64
N ILE C 188 -7.43 -8.94 29.49
CA ILE C 188 -7.71 -7.74 28.73
C ILE C 188 -7.98 -7.86 27.23
N TRP C 189 -7.31 -8.72 26.51
CA TRP C 189 -7.77 -8.95 25.17
C TRP C 189 -7.87 -10.42 24.97
N HIS C 190 -8.85 -11.04 25.57
CA HIS C 190 -8.82 -12.42 25.97
C HIS C 190 -8.62 -13.43 24.89
N ASP C 191 -9.16 -13.20 23.71
CA ASP C 191 -8.77 -14.05 22.62
C ASP C 191 -7.29 -13.92 22.20
N GLN C 192 -6.72 -12.74 22.24
CA GLN C 192 -5.32 -12.63 21.98
C GLN C 192 -4.35 -12.69 23.17
N SER C 193 -4.78 -12.40 24.41
CA SER C 193 -3.89 -12.39 25.56
C SER C 193 -3.57 -13.78 26.13
N LEU C 194 -4.57 -14.64 26.19
CA LEU C 194 -4.40 -15.97 26.76
C LEU C 194 -3.50 -16.88 25.91
N ILE C 195 -3.76 -16.89 24.60
CA ILE C 195 -2.99 -17.72 23.69
C ILE C 195 -1.54 -17.23 23.60
N ASN C 196 -1.34 -15.94 23.84
CA ASN C 196 -0.01 -15.36 23.84
C ASN C 196 0.82 -15.80 25.06
N LYS C 197 0.15 -16.06 26.17
CA LYS C 197 0.81 -16.65 27.33
C LYS C 197 1.26 -18.07 27.07
N TYR C 198 0.38 -18.87 26.45
CA TYR C 198 0.68 -20.26 26.17
C TYR C 198 1.84 -20.38 25.19
N PHE C 199 1.88 -19.48 24.21
CA PHE C 199 2.92 -19.52 23.18
C PHE C 199 4.22 -18.95 23.73
N LEU C 200 4.16 -18.33 24.89
CA LEU C 200 5.37 -17.90 25.57
C LEU C 200 5.98 -19.10 26.26
N ASP C 201 5.14 -19.88 26.94
CA ASP C 201 5.59 -21.10 27.60
C ASP C 201 5.83 -22.20 26.58
N ASN C 202 5.03 -22.21 25.51
CA ASN C 202 5.19 -23.19 24.46
C ASN C 202 5.29 -22.55 23.08
N PRO C 203 6.48 -22.06 22.72
CA PRO C 203 6.69 -21.53 21.37
C PRO C 203 6.28 -22.55 20.32
N PRO C 204 5.27 -22.20 19.51
CA PRO C 204 4.69 -23.13 18.53
C PRO C 204 5.74 -23.55 17.50
N ALA C 205 5.64 -24.78 17.01
CA ALA C 205 6.65 -25.31 16.09
C ALA C 205 6.73 -24.49 14.82
N ILE C 206 5.60 -23.99 14.34
CA ILE C 206 5.56 -23.11 13.18
C ILE C 206 4.77 -21.83 13.49
N THR C 207 5.35 -20.69 13.12
CA THR C 207 4.70 -19.40 13.31
C THR C 207 4.41 -18.72 11.97
N LEU C 208 3.12 -18.63 11.64
CA LEU C 208 2.69 -18.05 10.36
C LEU C 208 2.70 -16.53 10.34
N SER C 209 3.06 -15.96 9.20
CA SER C 209 3.06 -14.53 8.98
C SER C 209 1.63 -13.99 8.89
N PRO C 210 1.46 -12.67 9.08
CA PRO C 210 0.13 -12.06 8.94
C PRO C 210 -0.46 -12.15 7.53
N ALA C 211 0.18 -12.90 6.65
CA ALA C 211 -0.40 -13.22 5.36
C ALA C 211 -1.56 -14.21 5.51
N TYR C 212 -1.62 -14.88 6.66
CA TYR C 212 -2.69 -15.82 6.93
C TYR C 212 -3.80 -15.16 7.76
N LEU C 213 -3.57 -13.89 8.10
CA LEU C 213 -4.58 -13.07 8.76
C LEU C 213 -4.44 -11.65 8.21
N TYR C 214 -4.63 -11.54 6.90
CA TYR C 214 -4.46 -10.28 6.18
C TYR C 214 -5.77 -9.51 6.19
N PRO C 215 -5.81 -8.39 6.91
CA PRO C 215 -7.04 -7.59 6.98
C PRO C 215 -7.35 -6.96 5.64
N GLU C 216 -8.59 -7.08 5.18
CA GLU C 216 -8.98 -6.57 3.89
C GLU C 216 -8.82 -5.05 3.78
N GLY C 217 -8.14 -4.60 2.72
CA GLY C 217 -7.94 -3.19 2.50
C GLY C 217 -6.58 -2.69 2.91
N TRP C 218 -5.91 -3.44 3.79
CA TRP C 218 -4.59 -3.04 4.27
C TRP C 218 -3.56 -3.25 3.18
N LEU C 219 -2.48 -2.48 3.25
CA LEU C 219 -1.35 -2.69 2.36
C LEU C 219 -0.12 -3.11 3.16
N LEU C 220 0.12 -4.42 3.17
CA LEU C 220 1.20 -5.02 3.94
C LEU C 220 2.24 -5.63 3.00
N PRO C 221 3.48 -5.81 3.49
CA PRO C 221 4.55 -6.38 2.66
C PRO C 221 4.43 -7.88 2.37
N PHE C 222 3.22 -8.40 2.22
CA PHE C 222 3.02 -9.79 1.82
C PHE C 222 1.82 -9.91 0.89
N GLU C 223 1.78 -11.00 0.14
CA GLU C 223 0.59 -11.36 -0.61
C GLU C 223 -0.38 -12.05 0.33
N PRO C 224 -1.66 -11.63 0.29
CA PRO C 224 -2.67 -12.23 1.16
C PRO C 224 -3.00 -13.67 0.78
N ILE C 225 -2.84 -14.59 1.72
CA ILE C 225 -3.23 -15.99 1.53
C ILE C 225 -4.63 -16.19 2.10
N ILE C 226 -4.84 -15.68 3.31
CA ILE C 226 -6.16 -15.66 3.94
C ILE C 226 -6.58 -14.24 4.28
N LEU C 227 -7.77 -13.85 3.82
CA LEU C 227 -8.31 -12.52 4.02
C LEU C 227 -9.21 -12.47 5.24
N ILE C 228 -9.15 -11.35 5.97
CA ILE C 228 -10.12 -11.08 7.02
C ILE C 228 -11.24 -10.23 6.43
N ARG C 229 -12.38 -10.85 6.15
CA ARG C 229 -13.50 -10.10 5.57
C ARG C 229 -13.86 -9.03 6.57
N ASP C 230 -14.10 -7.84 6.11
CA ASP C 230 -14.25 -6.77 7.01
C ASP C 230 -15.64 -6.71 7.49
N LYS C 231 -15.87 -7.17 8.70
CA LYS C 231 -17.16 -7.03 9.32
C LYS C 231 -17.36 -5.61 9.71
N ASN C 232 -18.59 -5.22 9.97
CA ASN C 232 -18.81 -3.83 10.25
C ASN C 232 -18.94 -3.29 8.86
N LYS C 233 -18.65 -4.17 7.93
CA LYS C 233 -18.93 -3.91 6.55
C LYS C 233 -20.41 -4.00 6.45
N PRO C 234 -20.96 -3.33 5.46
CA PRO C 234 -22.39 -3.24 5.27
C PRO C 234 -23.09 -4.56 4.95
N GLN C 235 -22.50 -5.43 4.14
CA GLN C 235 -23.43 -6.39 3.66
C GLN C 235 -23.98 -7.03 4.89
N TYR C 236 -23.12 -7.47 5.78
CA TYR C 236 -23.59 -8.34 6.80
C TYR C 236 -23.72 -7.68 8.13
N GLY C 237 -23.17 -6.47 8.24
CA GLY C 237 -23.17 -5.68 9.46
C GLY C 237 -24.28 -4.66 9.50
N MET D 1 -36.04 6.83 -1.83
CA MET D 1 -35.20 7.54 -2.79
C MET D 1 -35.18 6.82 -4.14
N ARG D 2 -35.10 7.59 -5.21
CA ARG D 2 -35.11 7.05 -6.55
C ARG D 2 -33.71 7.13 -7.16
N ILE D 3 -33.13 5.98 -7.53
CA ILE D 3 -31.77 5.94 -8.03
C ILE D 3 -31.70 5.80 -9.55
N GLY D 4 -31.14 6.82 -10.20
CA GLY D 4 -31.01 6.82 -11.65
C GLY D 4 -29.63 6.36 -12.07
N ILE D 5 -29.58 5.35 -12.92
CA ILE D 5 -28.29 4.86 -13.44
C ILE D 5 -28.02 5.37 -14.84
N LEU D 6 -26.87 6.02 -15.00
CA LEU D 6 -26.44 6.52 -16.30
C LEU D 6 -25.56 5.43 -16.93
N TYR D 7 -25.84 5.11 -18.19
CA TYR D 7 -25.22 3.96 -18.82
C TYR D 7 -25.11 4.11 -20.33
N ILE D 8 -23.87 4.10 -20.83
CA ILE D 8 -23.62 4.19 -22.26
C ILE D 8 -23.13 2.86 -22.85
N CYS D 9 -23.87 2.32 -23.82
CA CYS D 9 -23.48 1.07 -24.47
C CYS D 9 -23.68 1.18 -25.98
N THR D 10 -22.89 2.08 -26.59
CA THR D 10 -22.92 2.25 -28.04
C THR D 10 -22.17 1.13 -28.75
N GLY D 11 -22.39 1.02 -30.06
CA GLY D 11 -21.61 0.10 -30.87
C GLY D 11 -21.53 -1.32 -30.39
N LYS D 12 -20.28 -1.74 -30.15
CA LYS D 12 -19.96 -3.08 -29.74
C LYS D 12 -19.98 -3.24 -28.23
N TYR D 13 -20.70 -2.36 -27.54
CA TYR D 13 -20.74 -2.40 -26.07
C TYR D 13 -22.11 -2.83 -25.53
N ASP D 14 -23.03 -3.17 -26.42
CA ASP D 14 -24.37 -3.57 -26.00
C ASP D 14 -24.37 -5.01 -25.50
N ILE D 15 -23.26 -5.72 -25.71
CA ILE D 15 -23.09 -7.07 -25.19
C ILE D 15 -22.97 -7.05 -23.66
N PHE D 16 -22.55 -5.91 -23.12
CA PHE D 16 -22.31 -5.77 -21.68
C PHE D 16 -23.57 -5.39 -20.90
N TRP D 17 -24.59 -4.93 -21.61
CA TRP D 17 -25.80 -4.43 -20.97
C TRP D 17 -26.61 -5.51 -20.25
N LYS D 18 -26.74 -6.67 -20.89
CA LYS D 18 -27.56 -7.75 -20.35
C LYS D 18 -27.14 -8.16 -18.93
N ASP D 19 -25.90 -8.61 -18.78
CA ASP D 19 -25.40 -9.10 -17.50
C ASP D 19 -25.22 -7.98 -16.47
N PHE D 20 -24.95 -6.77 -16.95
CA PHE D 20 -24.90 -5.61 -16.06
C PHE D 20 -26.28 -5.37 -15.43
N TYR D 21 -27.30 -5.40 -16.28
CA TYR D 21 -28.68 -5.16 -15.87
C TYR D 21 -29.15 -6.16 -14.82
N LEU D 22 -28.90 -7.43 -15.07
CA LEU D 22 -29.26 -8.51 -14.16
C LEU D 22 -28.49 -8.36 -12.86
N SER D 23 -27.23 -7.96 -13.01
CA SER D 23 -26.36 -7.75 -11.86
C SER D 23 -26.90 -6.62 -10.97
N ALA D 24 -27.49 -5.60 -11.60
CA ALA D 24 -28.04 -4.46 -10.90
C ALA D 24 -29.39 -4.78 -10.26
N GLU D 25 -30.16 -5.64 -10.93
CA GLU D 25 -31.47 -6.05 -10.45
C GLU D 25 -31.39 -6.98 -9.25
N ARG D 26 -30.18 -7.39 -8.91
CA ARG D 26 -29.97 -8.35 -7.84
C ARG D 26 -29.17 -7.77 -6.68
N TYR D 27 -28.15 -6.97 -7.00
CA TYR D 27 -27.20 -6.52 -5.98
C TYR D 27 -27.29 -5.04 -5.69
N PHE D 28 -27.78 -4.27 -6.67
CA PHE D 28 -27.77 -2.82 -6.53
C PHE D 28 -29.07 -2.26 -5.98
N MET D 29 -28.98 -1.69 -4.77
CA MET D 29 -30.08 -0.95 -4.16
C MET D 29 -31.38 -1.71 -4.04
N GLN D 30 -31.32 -2.92 -3.51
CA GLN D 30 -32.52 -3.75 -3.38
C GLN D 30 -33.19 -3.54 -2.02
N ASP D 31 -32.86 -2.42 -1.39
CA ASP D 31 -33.58 -1.95 -0.20
C ASP D 31 -34.99 -1.55 -0.64
N GLN D 32 -35.99 -1.90 0.16
CA GLN D 32 -37.39 -1.80 -0.25
C GLN D 32 -37.92 -0.38 -0.48
N SER D 33 -37.14 0.61 -0.07
CA SER D 33 -37.50 2.00 -0.28
C SER D 33 -37.13 2.48 -1.68
N PHE D 34 -36.02 1.98 -2.20
CA PHE D 34 -35.48 2.49 -3.46
C PHE D 34 -36.08 1.86 -4.70
N ILE D 35 -36.19 2.66 -5.75
CA ILE D 35 -36.56 2.21 -7.07
C ILE D 35 -35.48 2.64 -8.06
N ILE D 36 -35.14 1.77 -8.99
CA ILE D 36 -34.03 2.05 -9.91
C ILE D 36 -34.54 2.38 -11.31
N GLU D 37 -34.12 3.53 -11.83
CA GLU D 37 -34.43 3.90 -13.20
C GLU D 37 -33.13 3.86 -14.00
N TYR D 38 -33.11 3.06 -15.06
CA TYR D 38 -31.92 2.95 -15.90
C TYR D 38 -32.03 3.89 -17.10
N TYR D 39 -31.08 4.80 -17.23
CA TYR D 39 -31.04 5.68 -18.38
C TYR D 39 -29.93 5.24 -19.32
N VAL D 40 -30.31 4.41 -20.29
CA VAL D 40 -29.35 3.70 -21.13
C VAL D 40 -29.22 4.33 -22.51
N PHE D 41 -28.08 4.97 -22.74
CA PHE D 41 -27.79 5.63 -24.00
C PHE D 41 -27.19 4.67 -25.02
N THR D 42 -27.92 4.42 -26.10
CA THR D 42 -27.44 3.49 -27.12
C THR D 42 -28.07 3.74 -28.48
N ASP D 43 -27.47 3.14 -29.49
CA ASP D 43 -27.99 3.17 -30.86
C ASP D 43 -28.56 1.80 -31.22
N SER D 44 -28.63 0.92 -30.22
CA SER D 44 -29.22 -0.41 -30.38
C SER D 44 -30.74 -0.30 -30.47
N PRO D 45 -31.37 -1.07 -31.36
CA PRO D 45 -32.83 -0.95 -31.52
C PRO D 45 -33.60 -1.45 -30.29
N LYS D 46 -33.13 -2.54 -29.69
CA LYS D 46 -33.80 -3.10 -28.53
C LYS D 46 -32.75 -3.50 -27.49
N LEU D 47 -33.08 -3.29 -26.23
CA LEU D 47 -32.20 -3.66 -25.14
C LEU D 47 -32.82 -4.85 -24.41
N TYR D 48 -32.00 -5.60 -23.68
CA TYR D 48 -32.49 -6.77 -22.95
C TYR D 48 -33.53 -6.38 -21.89
N ASP D 49 -34.67 -7.07 -21.93
CA ASP D 49 -35.74 -6.93 -20.93
C ASP D 49 -36.42 -5.56 -21.01
N GLU D 50 -36.23 -4.87 -22.13
CA GLU D 50 -36.83 -3.56 -22.39
C GLU D 50 -38.35 -3.69 -22.56
N GLU D 51 -38.76 -4.84 -23.07
CA GLU D 51 -40.16 -5.11 -23.36
C GLU D 51 -40.91 -5.51 -22.10
N ASN D 52 -40.15 -5.79 -21.04
CA ASN D 52 -40.72 -6.25 -19.78
C ASN D 52 -40.61 -5.23 -18.64
N ASN D 53 -39.49 -4.51 -18.57
CA ASN D 53 -39.28 -3.53 -17.51
C ASN D 53 -39.47 -2.10 -18.03
N LYS D 54 -40.35 -1.36 -17.36
CA LYS D 54 -40.68 0.01 -17.79
C LYS D 54 -39.68 1.00 -17.23
N HIS D 55 -38.77 0.51 -16.40
CA HIS D 55 -37.79 1.37 -15.75
C HIS D 55 -36.53 1.47 -16.62
N ILE D 56 -36.56 0.76 -17.74
CA ILE D 56 -35.50 0.90 -18.74
C ILE D 56 -35.82 2.09 -19.63
N HIS D 57 -35.07 3.17 -19.44
CA HIS D 57 -35.26 4.37 -20.23
C HIS D 57 -34.20 4.40 -21.30
N ARG D 58 -34.60 4.01 -22.50
CA ARG D 58 -33.71 4.00 -23.63
C ARG D 58 -33.58 5.40 -24.23
N ILE D 59 -32.35 5.91 -24.29
CA ILE D 59 -32.10 7.20 -24.92
C ILE D 59 -31.25 7.04 -26.18
N LYS D 60 -31.64 7.73 -27.24
CA LYS D 60 -31.02 7.62 -28.55
C LYS D 60 -29.68 8.34 -28.62
N GLN D 61 -28.62 7.62 -28.97
CA GLN D 61 -27.29 8.21 -29.06
C GLN D 61 -26.39 7.44 -30.04
N LYS D 62 -25.70 8.16 -30.93
CA LYS D 62 -24.82 7.52 -31.91
C LYS D 62 -23.41 7.30 -31.34
N ASN D 63 -22.67 6.40 -31.98
CA ASN D 63 -21.25 6.22 -31.68
C ASN D 63 -20.49 7.42 -32.23
N LEU D 64 -19.79 8.14 -31.36
CA LEU D 64 -19.10 9.37 -31.76
C LEU D 64 -17.65 9.15 -32.16
N GLY D 65 -17.08 8.02 -31.73
CA GLY D 65 -15.68 7.74 -32.01
C GLY D 65 -14.74 8.47 -31.07
N TRP D 66 -13.46 8.15 -31.20
CA TRP D 66 -12.39 8.73 -30.41
C TRP D 66 -11.94 10.09 -30.94
N PRO D 67 -11.73 11.06 -30.04
CA PRO D 67 -11.84 10.89 -28.58
C PRO D 67 -13.21 11.29 -28.04
N ASP D 68 -14.13 11.60 -28.96
CA ASP D 68 -15.46 12.11 -28.61
C ASP D 68 -16.28 11.15 -27.74
N ASN D 69 -15.96 9.85 -27.78
CA ASN D 69 -16.70 8.85 -26.98
C ASN D 69 -16.62 9.01 -25.47
N THR D 70 -15.48 9.48 -24.96
CA THR D 70 -15.32 9.69 -23.53
C THR D 70 -15.36 11.17 -23.16
N LEU D 71 -14.98 12.02 -24.10
CA LEU D 71 -14.86 13.45 -23.83
C LEU D 71 -16.21 14.17 -23.78
N LYS D 72 -17.09 13.93 -24.74
CA LYS D 72 -18.38 14.59 -24.77
C LYS D 72 -19.47 13.77 -24.06
N ARG D 73 -19.03 13.02 -23.05
CA ARG D 73 -19.90 12.16 -22.24
C ARG D 73 -20.92 12.95 -21.43
N PHE D 74 -20.49 14.11 -20.94
CA PHE D 74 -21.33 14.93 -20.09
C PHE D 74 -22.33 15.80 -20.87
N HIS D 75 -22.06 16.04 -22.15
CA HIS D 75 -23.04 16.71 -22.98
C HIS D 75 -24.28 15.83 -23.10
N ILE D 76 -24.04 14.52 -23.21
CA ILE D 76 -25.11 13.54 -23.38
C ILE D 76 -26.03 13.50 -22.14
N PHE D 77 -25.43 13.58 -20.95
CA PHE D 77 -26.20 13.56 -19.71
C PHE D 77 -27.02 14.85 -19.54
N LEU D 78 -26.42 15.99 -19.86
CA LEU D 78 -27.08 17.27 -19.66
C LEU D 78 -28.18 17.49 -20.70
N ARG D 79 -28.20 16.62 -21.70
CA ARG D 79 -29.21 16.65 -22.74
C ARG D 79 -30.58 16.25 -22.19
N ILE D 80 -30.57 15.47 -21.13
CA ILE D 80 -31.78 15.00 -20.48
C ILE D 80 -31.81 15.38 -18.99
N LYS D 81 -31.21 16.52 -18.66
CA LYS D 81 -31.09 16.97 -17.27
C LYS D 81 -32.44 17.19 -16.57
N GLU D 82 -33.44 17.63 -17.31
CA GLU D 82 -34.74 17.93 -16.73
C GLU D 82 -35.47 16.66 -16.27
N GLN D 83 -35.40 15.60 -17.05
CA GLN D 83 -35.99 14.32 -16.67
C GLN D 83 -35.33 13.76 -15.41
N LEU D 84 -34.02 13.94 -15.30
CA LEU D 84 -33.26 13.41 -14.17
C LEU D 84 -33.55 14.19 -12.89
N GLU D 85 -33.82 15.48 -13.02
CA GLU D 85 -34.06 16.33 -11.85
C GLU D 85 -35.42 16.04 -11.21
N ARG D 86 -36.36 15.52 -11.99
CA ARG D 86 -37.70 15.26 -11.47
C ARG D 86 -38.00 13.78 -11.19
N GLU D 87 -37.17 12.89 -11.72
CA GLU D 87 -37.43 11.46 -11.61
C GLU D 87 -36.42 10.74 -10.72
N THR D 88 -35.33 11.42 -10.39
CA THR D 88 -34.27 10.80 -9.60
C THR D 88 -33.92 11.62 -8.36
N ASP D 89 -33.38 10.95 -7.36
CA ASP D 89 -32.87 11.60 -6.17
C ASP D 89 -31.36 11.44 -6.16
N TYR D 90 -30.90 10.34 -6.73
CA TYR D 90 -29.47 10.08 -6.90
C TYR D 90 -29.15 9.58 -8.31
N LEU D 91 -27.97 9.94 -8.80
CA LEU D 91 -27.49 9.47 -10.08
C LEU D 91 -26.14 8.77 -9.94
N PHE D 92 -25.96 7.69 -10.68
CA PHE D 92 -24.70 6.97 -10.71
C PHE D 92 -24.35 6.57 -12.12
N PHE D 93 -23.12 6.86 -12.54
CA PHE D 93 -22.64 6.47 -13.85
C PHE D 93 -21.80 5.20 -13.76
N PHE D 94 -22.00 4.30 -14.69
CA PHE D 94 -21.18 3.09 -14.79
C PHE D 94 -20.68 2.91 -16.21
N ASN D 95 -19.42 2.49 -16.34
CA ASN D 95 -18.91 2.08 -17.63
C ASN D 95 -19.59 0.77 -18.02
N ALA D 96 -19.67 0.51 -19.32
CA ALA D 96 -20.44 -0.62 -19.84
C ALA D 96 -20.03 -1.98 -19.27
N ASN D 97 -18.74 -2.22 -19.18
CA ASN D 97 -18.24 -3.55 -18.83
C ASN D 97 -18.21 -3.85 -17.34
N LEU D 98 -18.94 -3.07 -16.54
CA LEU D 98 -18.98 -3.31 -15.10
C LEU D 98 -19.99 -4.40 -14.73
N LEU D 99 -19.74 -5.07 -13.62
CA LEU D 99 -20.59 -6.18 -13.16
C LEU D 99 -20.67 -6.23 -11.63
N PHE D 100 -21.87 -6.15 -11.10
CA PHE D 100 -22.09 -6.26 -9.65
C PHE D 100 -21.91 -7.71 -9.20
N THR D 101 -21.31 -7.91 -8.02
CA THR D 101 -21.05 -9.25 -7.52
C THR D 101 -21.52 -9.41 -6.07
N SER D 102 -21.59 -8.31 -5.33
CA SER D 102 -22.08 -8.30 -3.96
C SER D 102 -23.07 -7.14 -3.75
N PRO D 103 -23.95 -7.24 -2.75
CA PRO D 103 -24.96 -6.20 -2.50
C PRO D 103 -24.40 -4.80 -2.26
N ILE D 104 -25.09 -3.79 -2.76
CA ILE D 104 -24.74 -2.40 -2.48
C ILE D 104 -26.00 -1.66 -2.06
N GLY D 105 -25.93 -0.97 -0.92
CA GLY D 105 -27.10 -0.31 -0.40
C GLY D 105 -26.90 1.18 -0.13
N LYS D 106 -27.66 1.68 0.82
CA LYS D 106 -27.72 3.10 1.12
C LYS D 106 -26.46 3.65 1.77
N GLU D 107 -25.48 2.79 1.99
CA GLU D 107 -24.24 3.18 2.63
C GLU D 107 -23.34 4.03 1.72
N ILE D 108 -23.64 4.01 0.42
CA ILE D 108 -22.82 4.75 -0.54
C ILE D 108 -23.51 6.01 -1.02
N LEU D 109 -24.64 6.35 -0.39
CA LEU D 109 -25.32 7.61 -0.69
C LEU D 109 -24.72 8.74 0.13
N PRO D 110 -24.20 9.77 -0.57
CA PRO D 110 -23.63 10.93 0.11
C PRO D 110 -24.70 11.66 0.92
N PRO D 111 -24.40 11.95 2.19
CA PRO D 111 -25.31 12.64 3.12
C PRO D 111 -25.80 13.97 2.57
N SER D 112 -27.02 14.36 2.93
CA SER D 112 -27.61 15.58 2.41
C SER D 112 -26.93 16.86 2.93
N ASP D 113 -26.06 16.73 3.93
CA ASP D 113 -25.38 17.89 4.49
C ASP D 113 -24.04 18.17 3.83
N SER D 114 -23.57 17.22 3.02
CA SER D 114 -22.29 17.36 2.33
C SER D 114 -22.47 17.94 0.94
N ASN D 115 -21.37 17.96 0.17
CA ASN D 115 -21.46 18.43 -1.22
C ASN D 115 -22.17 17.40 -2.09
N GLY D 116 -22.36 16.19 -1.56
CA GLY D 116 -23.14 15.18 -2.23
C GLY D 116 -22.50 14.54 -3.44
N LEU D 117 -21.19 14.33 -3.39
CA LEU D 117 -20.46 13.74 -4.52
C LEU D 117 -19.80 12.41 -4.17
N LEU D 118 -19.72 11.52 -5.15
CA LEU D 118 -19.05 10.24 -4.96
C LEU D 118 -18.07 9.98 -6.10
N GLY D 119 -16.83 9.66 -5.74
CA GLY D 119 -15.82 9.29 -6.71
C GLY D 119 -15.23 7.94 -6.36
N THR D 120 -14.57 7.31 -7.31
CA THR D 120 -14.00 5.98 -7.07
C THR D 120 -12.52 5.95 -7.40
N MET D 121 -11.74 5.34 -6.51
CA MET D 121 -10.30 5.23 -6.71
C MET D 121 -9.97 4.29 -7.87
N HIS D 122 -9.07 4.75 -8.73
CA HIS D 122 -8.56 3.95 -9.84
C HIS D 122 -7.69 2.82 -9.30
N PRO D 123 -7.93 1.58 -9.77
CA PRO D 123 -7.25 0.39 -9.25
C PRO D 123 -5.74 0.37 -9.55
N GLY D 124 -5.30 1.23 -10.46
CA GLY D 124 -3.90 1.26 -10.86
C GLY D 124 -3.06 2.28 -10.12
N PHE D 125 -3.66 3.00 -9.17
CA PHE D 125 -2.95 4.07 -8.47
C PHE D 125 -3.13 4.08 -6.96
N TYR D 126 -4.00 3.22 -6.44
CA TYR D 126 -4.33 3.18 -5.02
C TYR D 126 -3.13 2.86 -4.15
N ASN D 127 -2.15 2.17 -4.72
CA ASN D 127 -0.97 1.73 -3.97
C ASN D 127 0.29 2.47 -4.42
N LYS D 128 0.13 3.50 -5.23
CA LYS D 128 1.26 4.25 -5.76
C LYS D 128 1.32 5.68 -5.21
N PRO D 129 2.53 6.28 -5.23
CA PRO D 129 2.66 7.64 -4.69
C PRO D 129 2.16 8.74 -5.64
N ASN D 130 2.00 9.93 -5.08
CA ASN D 130 1.44 11.09 -5.78
C ASN D 130 2.17 11.42 -7.08
N SER D 131 3.49 11.24 -7.09
CA SER D 131 4.33 11.55 -8.24
C SER D 131 4.02 10.68 -9.47
N GLU D 132 3.29 9.59 -9.26
CA GLU D 132 3.00 8.63 -10.32
C GLU D 132 1.61 8.87 -10.90
N PHE D 133 0.91 9.84 -10.34
CA PHE D 133 -0.41 10.20 -10.85
C PHE D 133 -0.31 10.80 -12.24
N THR D 134 -1.03 10.23 -13.19
CA THR D 134 -0.99 10.71 -14.57
C THR D 134 -2.03 11.82 -14.80
N TYR D 135 -1.97 12.86 -13.97
CA TYR D 135 -2.79 14.06 -14.14
C TYR D 135 -2.40 14.80 -15.42
N GLU D 136 -3.25 15.73 -15.84
CA GLU D 136 -2.88 16.66 -16.90
C GLU D 136 -1.95 17.73 -16.32
N ARG D 137 -0.77 17.87 -16.91
CA ARG D 137 0.25 18.76 -16.36
C ARG D 137 0.45 20.00 -17.22
N ARG D 138 -0.38 20.14 -18.26
CA ARG D 138 -0.31 21.30 -19.15
C ARG D 138 -1.22 22.45 -18.70
N ASP D 139 -0.64 23.58 -18.33
CA ASP D 139 -1.39 24.75 -17.87
C ASP D 139 -2.36 25.26 -18.94
N ALA D 140 -2.07 24.91 -20.19
CA ALA D 140 -2.90 25.31 -21.32
C ALA D 140 -4.23 24.58 -21.32
N SER D 141 -4.30 23.47 -20.57
CA SER D 141 -5.52 22.69 -20.50
C SER D 141 -6.37 23.09 -19.30
N THR D 142 -7.68 22.88 -19.41
CA THR D 142 -8.61 23.15 -18.32
C THR D 142 -8.50 22.09 -17.22
N ALA D 143 -7.82 20.99 -17.54
CA ALA D 143 -7.65 19.88 -16.60
C ALA D 143 -6.34 19.96 -15.84
N TYR D 144 -5.66 21.11 -15.91
CA TYR D 144 -4.33 21.22 -15.32
C TYR D 144 -4.35 21.06 -13.81
N ILE D 145 -3.49 20.17 -13.32
CA ILE D 145 -3.23 19.99 -11.91
C ILE D 145 -1.73 20.05 -11.65
N PRO D 146 -1.29 21.03 -10.84
CA PRO D 146 0.13 21.22 -10.53
C PRO D 146 0.80 19.96 -9.98
N GLU D 147 2.12 19.90 -10.10
CA GLU D 147 2.88 18.74 -9.65
C GLU D 147 2.85 18.64 -8.13
N GLY D 148 2.79 17.43 -7.59
CA GLY D 148 2.78 17.24 -6.16
C GLY D 148 1.39 17.37 -5.54
N GLU D 149 0.46 17.97 -6.28
CA GLU D 149 -0.91 18.18 -5.80
C GLU D 149 -1.80 16.99 -6.13
N GLY D 150 -2.96 16.94 -5.48
CA GLY D 150 -3.88 15.83 -5.68
C GLY D 150 -3.87 14.91 -4.47
N ARG D 151 -4.97 14.21 -4.25
CA ARG D 151 -5.07 13.30 -3.12
C ARG D 151 -5.19 11.88 -3.64
N TYR D 152 -6.26 11.62 -4.38
CA TYR D 152 -6.43 10.31 -4.98
C TYR D 152 -6.37 10.46 -6.49
N TYR D 153 -6.13 9.36 -7.19
CA TYR D 153 -6.30 9.36 -8.62
C TYR D 153 -7.65 8.71 -8.92
N TYR D 154 -8.66 9.54 -9.09
CA TYR D 154 -10.01 9.04 -9.30
C TYR D 154 -10.19 8.46 -10.69
N ALA D 155 -11.20 7.63 -10.84
CA ALA D 155 -11.47 6.98 -12.11
C ALA D 155 -12.75 7.52 -12.74
N GLY D 156 -12.94 7.22 -14.02
CA GLY D 156 -14.12 7.64 -14.73
C GLY D 156 -15.10 6.49 -14.89
N GLY D 157 -14.75 5.34 -14.31
CA GLY D 157 -15.56 4.15 -14.47
C GLY D 157 -16.76 4.07 -13.54
N LEU D 158 -16.73 4.83 -12.44
CA LEU D 158 -17.88 4.88 -11.54
C LEU D 158 -17.82 6.20 -10.78
N SER D 159 -18.83 7.04 -10.99
CA SER D 159 -18.96 8.30 -10.26
C SER D 159 -20.45 8.66 -10.12
N GLY D 160 -20.77 9.52 -9.17
CA GLY D 160 -22.15 9.95 -8.99
C GLY D 160 -22.37 10.84 -7.79
N GLY D 161 -23.61 10.85 -7.31
CA GLY D 161 -23.99 11.64 -6.15
C GLY D 161 -25.42 12.09 -6.22
N CYS D 162 -25.79 13.09 -5.42
CA CYS D 162 -27.13 13.66 -5.48
C CYS D 162 -27.34 14.30 -6.84
N THR D 163 -28.55 14.16 -7.38
CA THR D 163 -28.88 14.62 -8.73
C THR D 163 -28.47 16.08 -8.93
N LYS D 164 -28.73 16.89 -7.92
CA LYS D 164 -28.37 18.30 -7.93
C LYS D 164 -26.86 18.49 -8.03
N ALA D 165 -26.13 17.85 -7.12
CA ALA D 165 -24.68 17.97 -7.06
C ALA D 165 -23.97 17.42 -8.29
N TYR D 166 -24.49 16.31 -8.82
CA TYR D 166 -23.84 15.64 -9.94
C TYR D 166 -24.07 16.36 -11.27
N LEU D 167 -25.28 16.85 -11.49
CA LEU D 167 -25.58 17.58 -12.71
C LEU D 167 -24.81 18.90 -12.75
N LYS D 168 -24.50 19.42 -11.56
CA LYS D 168 -23.63 20.59 -11.42
C LYS D 168 -22.22 20.23 -11.89
N LEU D 169 -21.81 19.01 -11.58
CA LEU D 169 -20.51 18.49 -12.00
C LEU D 169 -20.50 18.29 -13.51
N CYS D 170 -21.59 17.72 -14.03
CA CYS D 170 -21.75 17.52 -15.47
C CYS D 170 -21.67 18.86 -16.19
N THR D 171 -22.31 19.88 -15.61
CA THR D 171 -22.37 21.21 -16.21
C THR D 171 -20.99 21.85 -16.30
N THR D 172 -20.22 21.74 -15.23
CA THR D 172 -18.89 22.35 -15.16
C THR D 172 -17.93 21.71 -16.16
N ILE D 173 -17.88 20.38 -16.16
CA ILE D 173 -16.95 19.65 -17.01
C ILE D 173 -17.20 19.90 -18.51
N CYS D 174 -18.47 20.05 -18.89
CA CYS D 174 -18.79 20.36 -20.28
C CYS D 174 -18.14 21.66 -20.78
N SER D 175 -18.20 22.70 -19.96
CA SER D 175 -17.55 23.97 -20.30
C SER D 175 -16.04 23.79 -20.43
N TRP D 176 -15.48 23.00 -19.52
CA TRP D 176 -14.05 22.72 -19.52
C TRP D 176 -13.67 21.97 -20.80
N VAL D 177 -14.53 21.03 -21.19
CA VAL D 177 -14.33 20.28 -22.42
C VAL D 177 -14.37 21.23 -23.62
N ASP D 178 -15.39 22.07 -23.67
CA ASP D 178 -15.59 23.01 -24.77
C ASP D 178 -14.50 24.08 -24.89
N ARG D 179 -14.04 24.61 -23.76
CA ARG D 179 -12.99 25.63 -23.79
C ARG D 179 -11.70 25.08 -24.36
N ASP D 180 -11.44 23.81 -24.07
CA ASP D 180 -10.26 23.13 -24.58
C ASP D 180 -10.43 22.84 -26.07
N ALA D 181 -11.68 22.67 -26.51
CA ALA D 181 -11.96 22.51 -27.93
C ALA D 181 -11.53 23.81 -28.63
N THR D 182 -11.86 24.94 -28.00
CA THR D 182 -11.37 26.23 -28.47
C THR D 182 -9.88 26.22 -28.13
N ASN D 183 -9.08 27.08 -28.75
CA ASN D 183 -7.62 27.14 -28.57
C ASN D 183 -6.95 25.75 -28.73
N HIS D 184 -7.71 24.78 -29.24
CA HIS D 184 -7.22 23.52 -29.79
C HIS D 184 -6.38 22.58 -28.91
N ILE D 185 -6.87 22.22 -27.73
CA ILE D 185 -6.13 21.30 -26.86
C ILE D 185 -7.08 20.22 -26.31
N ILE D 186 -6.63 18.97 -26.34
CA ILE D 186 -7.38 17.87 -25.72
C ILE D 186 -6.66 17.32 -24.48
N PRO D 187 -7.38 17.32 -23.33
CA PRO D 187 -6.82 16.79 -22.08
C PRO D 187 -6.42 15.32 -22.22
N ILE D 188 -5.32 14.90 -21.64
CA ILE D 188 -4.81 13.56 -21.81
C ILE D 188 -5.45 12.71 -20.80
N TRP D 189 -6.03 11.60 -21.19
CA TRP D 189 -6.77 10.75 -20.26
C TRP D 189 -8.16 11.27 -20.08
N HIS D 190 -8.46 12.34 -20.78
CA HIS D 190 -9.82 12.69 -21.11
C HIS D 190 -10.78 12.95 -20.00
N ASP D 191 -11.82 12.14 -19.95
CA ASP D 191 -12.82 12.22 -18.91
C ASP D 191 -12.19 11.95 -17.59
N GLN D 192 -11.23 11.06 -17.57
CA GLN D 192 -10.51 10.76 -16.37
C GLN D 192 -9.70 11.91 -15.85
N SER D 193 -9.12 12.68 -16.74
CA SER D 193 -8.43 13.85 -16.30
C SER D 193 -9.36 14.81 -15.69
N LEU D 194 -10.49 14.95 -16.33
CA LEU D 194 -11.40 16.01 -16.01
C LEU D 194 -12.01 15.84 -14.67
N ILE D 195 -12.42 14.65 -14.33
CA ILE D 195 -12.99 14.42 -13.04
C ILE D 195 -11.93 14.67 -12.02
N ASN D 196 -10.74 14.17 -12.28
CA ASN D 196 -9.67 14.28 -11.30
C ASN D 196 -9.43 15.75 -10.97
N LYS D 197 -9.66 16.59 -11.98
CA LYS D 197 -9.64 18.04 -11.82
C LYS D 197 -10.78 18.55 -10.95
N TYR D 198 -11.97 18.05 -11.21
CA TYR D 198 -13.15 18.47 -10.49
C TYR D 198 -13.15 18.03 -9.02
N PHE D 199 -12.68 16.82 -8.77
CA PHE D 199 -12.66 16.26 -7.42
C PHE D 199 -11.50 16.84 -6.61
N LEU D 200 -10.61 17.55 -7.30
CA LEU D 200 -9.55 18.28 -6.63
C LEU D 200 -10.13 19.56 -6.05
N ASP D 201 -10.92 20.26 -6.85
CA ASP D 201 -11.59 21.47 -6.41
C ASP D 201 -12.79 21.13 -5.54
N ASN D 202 -13.42 20.00 -5.85
CA ASN D 202 -14.55 19.53 -5.05
C ASN D 202 -14.33 18.09 -4.57
N PRO D 203 -13.54 17.92 -3.50
CA PRO D 203 -13.34 16.60 -2.90
C PRO D 203 -14.67 15.93 -2.57
N PRO D 204 -14.95 14.78 -3.21
CA PRO D 204 -16.24 14.10 -3.06
C PRO D 204 -16.47 13.59 -1.65
N ALA D 205 -17.72 13.62 -1.21
CA ALA D 205 -18.08 13.21 0.14
C ALA D 205 -17.74 11.74 0.37
N ILE D 206 -17.88 10.93 -0.68
CA ILE D 206 -17.53 9.51 -0.59
C ILE D 206 -16.51 9.13 -1.66
N THR D 207 -15.44 8.48 -1.23
CA THR D 207 -14.41 7.96 -2.13
C THR D 207 -14.35 6.43 -1.99
N LEU D 208 -14.82 5.73 -3.00
CA LEU D 208 -14.88 4.28 -2.97
C LEU D 208 -13.51 3.66 -3.24
N SER D 209 -13.23 2.56 -2.55
CA SER D 209 -11.99 1.82 -2.75
C SER D 209 -12.04 1.09 -4.09
N PRO D 210 -10.87 0.68 -4.61
CA PRO D 210 -10.82 -0.07 -5.87
C PRO D 210 -11.51 -1.43 -5.85
N ALA D 211 -12.21 -1.74 -4.76
CA ALA D 211 -13.05 -2.92 -4.72
C ALA D 211 -14.29 -2.70 -5.58
N TYR D 212 -14.55 -1.44 -5.89
CA TYR D 212 -15.70 -1.07 -6.71
C TYR D 212 -15.29 -0.86 -8.17
N LEU D 213 -14.01 -1.08 -8.45
CA LEU D 213 -13.49 -1.08 -9.82
C LEU D 213 -12.40 -2.13 -9.91
N TYR D 214 -12.79 -3.38 -9.67
CA TYR D 214 -11.86 -4.50 -9.62
C TYR D 214 -11.67 -5.07 -11.02
N PRO D 215 -10.47 -4.88 -11.60
CA PRO D 215 -10.19 -5.39 -12.94
C PRO D 215 -10.11 -6.91 -12.94
N GLU D 216 -10.79 -7.55 -13.87
CA GLU D 216 -10.81 -9.01 -13.97
C GLU D 216 -9.39 -9.55 -14.20
N GLY D 217 -8.99 -10.53 -13.39
CA GLY D 217 -7.69 -11.14 -13.52
C GLY D 217 -6.69 -10.61 -12.51
N TRP D 218 -6.95 -9.44 -11.96
CA TRP D 218 -6.02 -8.82 -11.02
C TRP D 218 -6.04 -9.53 -9.67
N LEU D 219 -4.93 -9.39 -8.94
CA LEU D 219 -4.83 -9.91 -7.59
C LEU D 219 -4.71 -8.73 -6.62
N LEU D 220 -5.82 -8.40 -5.98
CA LEU D 220 -5.88 -7.26 -5.08
C LEU D 220 -6.19 -7.69 -3.63
N PRO D 221 -5.81 -6.86 -2.64
CA PRO D 221 -6.10 -7.19 -1.25
C PRO D 221 -7.57 -7.05 -0.83
N PHE D 222 -8.50 -7.31 -1.74
CA PHE D 222 -9.92 -7.29 -1.41
C PHE D 222 -10.68 -8.36 -2.19
N GLU D 223 -11.87 -8.69 -1.70
CA GLU D 223 -12.84 -9.41 -2.52
C GLU D 223 -13.55 -8.35 -3.35
N PRO D 224 -13.73 -8.63 -4.65
CA PRO D 224 -14.34 -7.69 -5.60
C PRO D 224 -15.83 -7.44 -5.34
N ILE D 225 -16.21 -6.17 -5.26
CA ILE D 225 -17.62 -5.79 -5.12
C ILE D 225 -18.20 -5.53 -6.50
N ILE D 226 -17.49 -4.74 -7.30
CA ILE D 226 -17.86 -4.51 -8.68
C ILE D 226 -16.69 -4.92 -9.56
N LEU D 227 -16.94 -5.81 -10.52
CA LEU D 227 -15.88 -6.31 -11.38
C LEU D 227 -15.81 -5.53 -12.68
N ILE D 228 -14.60 -5.25 -13.13
CA ILE D 228 -14.40 -4.70 -14.47
C ILE D 228 -14.12 -5.86 -15.40
N ARG D 229 -15.14 -6.27 -16.14
CA ARG D 229 -15.04 -7.39 -17.08
C ARG D 229 -13.97 -7.13 -18.12
N ASP D 230 -13.15 -8.15 -18.36
CA ASP D 230 -12.08 -8.07 -19.34
C ASP D 230 -12.68 -7.87 -20.72
N LYS D 231 -12.20 -6.83 -21.36
CA LYS D 231 -12.59 -6.48 -22.67
C LYS D 231 -12.20 -7.58 -23.61
N ASN D 232 -10.97 -8.06 -23.43
CA ASN D 232 -10.28 -8.99 -24.32
C ASN D 232 -10.71 -10.45 -24.13
N LYS D 233 -11.75 -10.67 -23.34
CA LYS D 233 -12.28 -12.02 -23.13
C LYS D 233 -12.82 -12.63 -24.43
N PRO D 234 -12.63 -13.95 -24.60
CA PRO D 234 -13.04 -14.67 -25.81
C PRO D 234 -14.55 -14.51 -26.07
N GLN D 235 -15.31 -14.21 -25.02
CA GLN D 235 -16.75 -14.00 -25.16
C GLN D 235 -17.00 -12.72 -25.95
O5 A2G E . 11.78 1.52 -16.89
C1 A2G E . 11.50 0.13 -16.98
O1 A2G E . 10.48 -0.23 -16.05
C2 A2G E . 12.73 -0.76 -16.75
N2 A2G E . 12.86 -1.02 -15.34
C3 A2G E . 14.07 -0.22 -17.25
O3 A2G E . 14.43 -0.84 -18.48
C4 A2G E . 14.14 1.30 -17.37
O4 A2G E . 15.15 1.62 -18.34
C5 A2G E . 12.83 1.97 -17.75
C6 A2G E . 12.42 1.72 -19.21
O6 A2G E . 13.53 1.92 -20.08
C7 A2G E . 12.55 -2.22 -14.88
O7 A2G E . 11.71 -2.90 -15.43
C8 A2G E . 13.29 -2.64 -13.66
O5 A2G F . 4.28 12.47 20.18
C1 A2G F . 5.10 12.51 19.00
O1 A2G F . 4.63 13.54 18.12
C2 A2G F . 5.15 11.18 18.24
N2 A2G F . 5.44 11.46 16.85
C3 A2G F . 3.88 10.33 18.32
O3 A2G F . 4.17 8.97 18.01
C4 A2G F . 3.23 10.42 19.69
O4 A2G F . 4.11 9.88 20.68
C5 A2G F . 2.99 11.89 19.96
C6 A2G F . 2.05 12.13 21.15
O6 A2G F . 2.47 11.35 22.29
C7 A2G F . 6.44 10.91 16.17
O7 A2G F . 6.55 11.04 14.97
C8 A2G F . 7.44 10.12 16.97
O5 A2G G . -10.04 -10.81 14.54
C1 A2G G . -9.32 -9.81 13.78
O1 A2G G . -9.40 -10.11 12.39
C2 A2G G . -7.87 -9.63 14.21
N2 A2G G . -7.15 -8.89 13.19
C3 A2G G . -7.22 -10.99 14.40
O3 A2G G . -5.84 -10.78 14.72
C4 A2G G . -7.88 -11.77 15.52
O4 A2G G . -7.32 -11.40 16.79
C5 A2G G . -9.41 -11.61 15.56
C6 A2G G . -9.85 -11.03 16.90
O6 A2G G . -9.37 -9.69 17.04
C7 A2G G . -7.43 -7.63 12.87
O7 A2G G . -8.04 -7.34 11.85
C8 A2G G . -6.95 -6.58 13.83
O5 A2G H . -11.11 2.37 -16.64
C1 A2G H . -10.07 1.63 -17.29
O1 A2G H . -9.22 1.01 -16.31
C2 A2G H . -9.24 2.58 -18.15
N2 A2G H . -8.22 1.86 -18.90
C3 A2G H . -8.62 3.64 -17.25
O3 A2G H . -7.82 4.56 -18.00
C4 A2G H . -9.75 4.39 -16.56
O4 A2G H . -10.52 5.10 -17.54
C5 A2G H . -10.65 3.44 -15.79
C6 A2G H . -11.86 4.19 -15.26
O6 A2G H . -11.58 5.60 -15.22
C7 A2G H . -7.90 2.19 -20.15
O7 A2G H . -7.69 3.36 -20.48
C8 A2G H . -7.79 1.06 -21.12
#